data_1ZP0
#
_entry.id   1ZP0
#
_cell.length_a   70.330
_cell.length_b   83.531
_cell.length_c   294.180
_cell.angle_alpha   90.00
_cell.angle_beta   90.00
_cell.angle_gamma   90.00
#
_symmetry.space_group_name_H-M   'P 21 21 21'
#
loop_
_entity.id
_entity.type
_entity.pdbx_description
1 polymer 'FAD-binding protein'
2 polymer 'Iron-sulfur protein'
3 polymer 'Large cytochrome binding protein'
4 polymer 'Small cytochrome binding protein'
5 non-polymer 'FLAVIN-ADENINE DINUCLEOTIDE'
6 non-polymer '3-NITROPROPANOIC ACID'
7 non-polymer 'FE2/S2 (INORGANIC) CLUSTER'
8 non-polymer 'IRON/SULFUR CLUSTER'
9 non-polymer 'FE3-S4 CLUSTER'
10 non-polymer 'PROTOPORPHYRIN IX CONTAINING FE'
11 non-polymer 4,4,4-TRIFLUORO-1-THIEN-2-YLBUTANE-1,3-DIONE
12 water water
#
loop_
_entity_poly.entity_id
_entity_poly.type
_entity_poly.pdbx_seq_one_letter_code
_entity_poly.pdbx_strand_id
1 'polypeptide(L)'
;SSAKVSDAISTQYPVVDHEFDAVVVGAGGAGLRAAFGLSEAGFNTACVTKLFPTRSHTVAAQGGINAALGNMEEDNWRWH
FYDTVKGSDWLGDQDAIHYMTEQAPASVVELENYGMPFSRTEDGKIYQRAFGGQSLKFGKGGQAHRCCCVADRTGHSLLH
TLYGRSLRYDTSYFVEYFALDLLMENGECRGVIALCIEDGSIHRIRARNTVVATGGYGRTYFSCTSAHTSTGDGTAMVTR
AGLPCQDLEFVQFHPTGIYGAGCLITEGCRGEGGILINSQGERFMERYAPVAKDLASRDVVSRSMTLEIREGRGCGPEKD
HVYLQLHHLPPEQLAVRLPGISETAMIFAGVDVTKEPIPVLPTVHYNMGGIPTNYKGQVLRHVNGQDQVVPGLYACGEAA
CASVHGANRLGANSLLDLVVFGRACALSIAESCRPGDKVPSIKPNAGEESVMNLDKLRFANGTIRTSELRLSMQKSMQSH
AAVFRVGSVLQEGCEKILRLYGDLQHLKTFDRGMVWNTDLVETLELQNLMLCALQTIYGAEARKESRGAHAREDFKERVD
EYDYSKPIQGQQKKPFQEHWRKHTLSYVDVKTGKVSLEYRPVIDKTLNEADCATVPPAIRSY
;
A
2 'polypeptide(L)'
;AQTAAATAPRIKKFAIYRWDPDKTGDKPHMQTYEIDLNNCGPMVLDALIKIKNEIDSTLTFRRSCREGICGSCAMNINGG
NTLACTRRIDTNLDKVSKIYPLPHMYVIKDLVPDLSNFYAQYKSIEPYLKKKDESQEGKQQYLQSIEEREKLDGLYECIL
CACCSTSCPSYWWNGDKYLGPAVLMQAYRWMIDSRDDFTEERLAKLQDPFSLYRCHTIMNCTGTCPKGLNPGKAIAEIKK
MMATYKEKKASV
;
B
3 'polypeptide(L)'
;LGTTAKEEMERFWNKNLGSNRPLSPHITIYRWSLPMAMSICHRGTGIALSAGVSLFGLSALLLPGNFESHLELVKSLCLG
PTLIYTAKFGIVFPLMYHTWNGIRHLIWDLGKGLTIPQLTQSGVVVLILTVLSSVGLAAM
;
C
4 'polypeptide(L)'
;ASSKAASLHWTGERVVSVLLLGLLPAAYLNPCSAMDYSLAAALTLHGHWGIGQVVTDYVRGDALQKAAKAGLLALSAFTF
AGLCYFNYHDVGICKAVAMLWKL
;
D
#
# COMPACT_ATOMS: atom_id res chain seq x y z
N SER A 10 12.32 -13.93 -31.66
CA SER A 10 10.83 -13.87 -31.74
C SER A 10 10.22 -15.26 -31.80
N THR A 11 8.90 -15.32 -31.77
CA THR A 11 8.15 -16.57 -31.81
C THR A 11 8.77 -17.60 -30.85
N GLN A 12 9.57 -17.10 -29.93
CA GLN A 12 10.21 -17.88 -28.89
C GLN A 12 9.35 -17.51 -27.70
N TYR A 13 8.62 -16.41 -27.89
CA TYR A 13 7.69 -15.88 -26.92
C TYR A 13 6.29 -16.01 -27.51
N PRO A 14 5.53 -17.04 -27.09
CA PRO A 14 4.18 -17.21 -27.63
C PRO A 14 3.33 -16.01 -27.23
N VAL A 15 2.46 -15.58 -28.14
CA VAL A 15 1.60 -14.43 -27.85
C VAL A 15 0.14 -14.83 -27.64
N VAL A 16 -0.47 -14.23 -26.62
CA VAL A 16 -1.87 -14.48 -26.31
C VAL A 16 -2.67 -13.24 -26.66
N ASP A 17 -3.74 -13.41 -27.43
CA ASP A 17 -4.58 -12.29 -27.85
C ASP A 17 -5.90 -12.17 -27.09
N HIS A 18 -6.05 -11.05 -26.40
CA HIS A 18 -7.26 -10.76 -25.63
C HIS A 18 -8.06 -9.73 -26.42
N GLU A 19 -9.38 -9.67 -26.18
CA GLU A 19 -10.23 -8.71 -26.87
C GLU A 19 -11.23 -8.06 -25.94
N PHE A 20 -11.15 -6.73 -25.82
CA PHE A 20 -12.06 -5.98 -24.96
C PHE A 20 -12.63 -4.76 -25.67
N ASP A 21 -13.42 -3.99 -24.94
CA ASP A 21 -14.02 -2.77 -25.48
C ASP A 21 -13.06 -1.61 -25.22
N ALA A 22 -12.46 -1.62 -24.04
CA ALA A 22 -11.51 -0.57 -23.66
C ALA A 22 -10.40 -1.10 -22.77
N VAL A 23 -9.24 -0.48 -22.86
CA VAL A 23 -8.09 -0.88 -22.06
C VAL A 23 -7.56 0.32 -21.30
N VAL A 24 -7.21 0.11 -20.04
CA VAL A 24 -6.67 1.17 -19.20
C VAL A 24 -5.29 0.75 -18.70
N VAL A 25 -4.28 1.52 -19.06
CA VAL A 25 -2.93 1.20 -18.64
C VAL A 25 -2.60 2.04 -17.40
N GLY A 26 -2.57 1.37 -16.25
CA GLY A 26 -2.29 2.03 -15.00
C GLY A 26 -3.45 1.89 -14.02
N ALA A 27 -3.14 1.54 -12.79
CA ALA A 27 -4.16 1.37 -11.77
C ALA A 27 -3.95 2.34 -10.61
N GLY A 28 -3.62 3.58 -10.96
CA GLY A 28 -3.42 4.59 -9.95
C GLY A 28 -4.77 5.26 -9.76
N GLY A 29 -4.79 6.46 -9.20
CA GLY A 29 -6.07 7.13 -9.02
C GLY A 29 -6.75 7.28 -10.36
N ALA A 30 -6.01 7.85 -11.31
CA ALA A 30 -6.53 8.08 -12.66
C ALA A 30 -6.97 6.77 -13.33
N GLY A 31 -6.03 5.86 -13.50
CA GLY A 31 -6.34 4.59 -14.13
C GLY A 31 -7.54 3.90 -13.50
N LEU A 32 -7.49 3.73 -12.18
CA LEU A 32 -8.56 3.08 -11.44
C LEU A 32 -9.92 3.71 -11.72
N ARG A 33 -10.01 5.03 -11.57
CA ARG A 33 -11.28 5.73 -11.81
C ARG A 33 -11.74 5.54 -13.24
N ALA A 34 -10.79 5.53 -14.17
CA ALA A 34 -11.10 5.36 -15.58
C ALA A 34 -11.65 3.96 -15.83
N ALA A 35 -10.97 2.97 -15.24
CA ALA A 35 -11.33 1.56 -15.38
C ALA A 35 -12.74 1.23 -14.89
N PHE A 36 -12.98 1.35 -13.59
CA PHE A 36 -14.31 1.01 -13.07
C PHE A 36 -15.38 1.96 -13.59
N GLY A 37 -14.94 3.14 -14.03
CA GLY A 37 -15.88 4.10 -14.58
C GLY A 37 -16.39 3.60 -15.91
N LEU A 38 -15.51 2.92 -16.64
CA LEU A 38 -15.85 2.36 -17.94
C LEU A 38 -16.76 1.15 -17.80
N SER A 39 -16.51 0.34 -16.77
CA SER A 39 -17.32 -0.85 -16.53
C SER A 39 -18.67 -0.42 -15.99
N GLU A 40 -18.66 0.59 -15.12
CA GLU A 40 -19.89 1.11 -14.55
C GLU A 40 -20.80 1.55 -15.70
N ALA A 41 -20.17 1.93 -16.81
CA ALA A 41 -20.90 2.38 -18.00
C ALA A 41 -21.37 1.22 -18.87
N GLY A 42 -20.88 0.02 -18.58
CA GLY A 42 -21.29 -1.15 -19.35
C GLY A 42 -20.32 -1.66 -20.40
N PHE A 43 -19.06 -1.26 -20.31
CA PHE A 43 -18.05 -1.71 -21.26
C PHE A 43 -17.20 -2.83 -20.69
N ASN A 44 -16.79 -3.76 -21.55
CA ASN A 44 -15.93 -4.85 -21.12
C ASN A 44 -14.56 -4.21 -21.04
N THR A 45 -14.15 -3.82 -19.84
CA THR A 45 -12.87 -3.16 -19.66
C THR A 45 -11.75 -4.03 -19.11
N ALA A 46 -10.54 -3.76 -19.59
CA ALA A 46 -9.35 -4.46 -19.15
C ALA A 46 -8.43 -3.39 -18.57
N CYS A 47 -7.71 -3.73 -17.51
CA CYS A 47 -6.80 -2.78 -16.88
C CYS A 47 -5.42 -3.41 -16.65
N VAL A 48 -4.42 -2.88 -17.34
CA VAL A 48 -3.05 -3.38 -17.23
C VAL A 48 -2.22 -2.54 -16.27
N THR A 49 -1.57 -3.22 -15.32
CA THR A 49 -0.72 -2.56 -14.34
C THR A 49 0.48 -3.43 -14.01
N LYS A 50 1.65 -2.82 -13.91
CA LYS A 50 2.87 -3.54 -13.60
C LYS A 50 3.03 -3.72 -12.09
N LEU A 51 2.11 -3.11 -11.35
CA LEU A 51 2.12 -3.19 -9.89
C LEU A 51 0.71 -3.52 -9.41
N PHE A 52 0.60 -3.96 -8.16
CA PHE A 52 -0.72 -4.23 -7.62
C PHE A 52 -1.32 -2.84 -7.52
N PRO A 53 -2.56 -2.65 -7.97
CA PRO A 53 -3.22 -1.35 -7.93
C PRO A 53 -2.91 -0.50 -6.69
N THR A 54 -2.98 -1.13 -5.52
CA THR A 54 -2.71 -0.45 -4.26
C THR A 54 -1.26 0.01 -4.06
N ARG A 55 -0.34 -0.55 -4.83
CA ARG A 55 1.06 -0.17 -4.70
C ARG A 55 1.33 1.11 -5.49
N SER A 56 0.38 1.48 -6.32
CA SER A 56 0.50 2.68 -7.13
C SER A 56 0.98 3.85 -6.30
N HIS A 57 1.63 4.79 -6.99
CA HIS A 57 2.20 5.96 -6.34
C HIS A 57 1.25 6.89 -5.58
N THR A 58 0.01 7.02 -6.05
CA THR A 58 -0.95 7.91 -5.39
C THR A 58 -1.10 7.60 -3.90
N VAL A 59 -0.65 6.41 -3.50
CA VAL A 59 -0.74 6.00 -2.10
C VAL A 59 0.12 6.92 -1.23
N ALA A 60 1.21 7.40 -1.81
CA ALA A 60 2.14 8.28 -1.11
C ALA A 60 1.55 9.66 -0.88
N ALA A 61 0.51 10.02 -1.63
CA ALA A 61 -0.12 11.32 -1.51
C ALA A 61 -0.56 11.58 -0.07
N GLN A 62 -0.27 12.78 0.43
CA GLN A 62 -0.60 13.13 1.79
C GLN A 62 -1.47 14.38 1.91
N GLY A 63 -1.06 15.45 1.24
CA GLY A 63 -1.80 16.70 1.27
C GLY A 63 -3.31 16.56 1.27
N GLY A 64 -3.90 16.44 0.09
CA GLY A 64 -5.34 16.31 -0.02
C GLY A 64 -5.84 16.49 -1.44
N ILE A 65 -7.14 16.74 -1.58
CA ILE A 65 -7.75 16.92 -2.90
C ILE A 65 -8.65 18.16 -2.87
N ASN A 66 -8.37 19.12 -3.74
CA ASN A 66 -9.13 20.37 -3.79
C ASN A 66 -10.56 20.26 -4.30
N ALA A 67 -11.44 21.07 -3.71
CA ALA A 67 -12.85 21.11 -4.07
C ALA A 67 -13.57 22.22 -3.29
N ALA A 68 -14.11 23.19 -4.01
CA ALA A 68 -14.82 24.31 -3.39
C ALA A 68 -16.15 23.87 -2.79
N LEU A 69 -16.10 22.96 -1.83
CA LEU A 69 -17.30 22.46 -1.18
C LEU A 69 -17.93 23.52 -0.28
N GLY A 70 -17.08 24.39 0.25
CA GLY A 70 -17.57 25.44 1.13
C GLY A 70 -17.91 24.94 2.51
N ASN A 71 -17.16 23.95 2.98
CA ASN A 71 -17.39 23.38 4.31
C ASN A 71 -16.78 24.25 5.41
N MET A 72 -15.66 24.89 5.12
CA MET A 72 -15.00 25.76 6.11
C MET A 72 -15.59 27.16 6.10
N GLU A 73 -15.87 27.67 4.90
CA GLU A 73 -16.46 28.99 4.74
C GLU A 73 -17.17 29.01 3.40
N GLU A 74 -17.73 30.15 3.02
CA GLU A 74 -18.43 30.24 1.74
C GLU A 74 -17.34 30.11 0.67
N ASP A 75 -17.66 29.49 -0.46
CA ASP A 75 -16.67 29.33 -1.51
C ASP A 75 -17.33 29.34 -2.88
N ASN A 76 -16.50 29.36 -3.91
CA ASN A 76 -16.99 29.38 -5.29
C ASN A 76 -15.95 28.69 -6.17
N TRP A 77 -16.32 27.57 -6.78
CA TRP A 77 -15.39 26.83 -7.63
C TRP A 77 -14.69 27.74 -8.63
N ARG A 78 -15.30 28.89 -8.90
CA ARG A 78 -14.74 29.83 -9.84
C ARG A 78 -13.48 30.49 -9.27
N TRP A 79 -13.41 30.59 -7.94
CA TRP A 79 -12.24 31.16 -7.29
C TRP A 79 -11.12 30.14 -7.37
N HIS A 80 -11.52 28.87 -7.41
CA HIS A 80 -10.58 27.77 -7.51
C HIS A 80 -10.03 27.83 -8.93
N PHE A 81 -10.93 28.11 -9.87
CA PHE A 81 -10.58 28.25 -11.28
C PHE A 81 -9.50 29.31 -11.40
N TYR A 82 -9.80 30.50 -10.90
CA TYR A 82 -8.86 31.61 -10.96
C TYR A 82 -7.50 31.23 -10.39
N ASP A 83 -7.48 30.74 -9.16
CA ASP A 83 -6.23 30.35 -8.52
C ASP A 83 -5.41 29.38 -9.35
N THR A 84 -6.07 28.43 -9.99
CA THR A 84 -5.39 27.44 -10.80
C THR A 84 -4.80 28.00 -12.09
N VAL A 85 -5.58 28.80 -12.81
CA VAL A 85 -5.09 29.38 -14.06
C VAL A 85 -3.92 30.33 -13.76
N LYS A 86 -4.00 31.07 -12.66
CA LYS A 86 -2.93 31.99 -12.30
C LYS A 86 -1.69 31.21 -11.94
N GLY A 87 -1.88 30.15 -11.15
CA GLY A 87 -0.76 29.33 -10.72
C GLY A 87 -0.05 28.63 -11.87
N SER A 88 -0.70 28.59 -13.03
CA SER A 88 -0.10 27.95 -14.20
C SER A 88 0.75 28.94 -14.98
N ASP A 89 0.79 30.18 -14.49
CA ASP A 89 1.55 31.22 -15.15
C ASP A 89 1.05 31.36 -16.58
N TRP A 90 -0.25 31.16 -16.74
CA TRP A 90 -0.93 31.26 -18.02
C TRP A 90 -0.45 30.37 -19.15
N LEU A 91 0.02 29.19 -18.80
CA LEU A 91 0.46 28.24 -19.81
C LEU A 91 -0.55 27.11 -19.72
N GLY A 92 -1.49 27.24 -18.80
CA GLY A 92 -2.52 26.23 -18.63
C GLY A 92 -3.74 26.52 -19.48
N ASP A 93 -4.29 25.48 -20.11
CA ASP A 93 -5.48 25.63 -20.94
C ASP A 93 -6.69 25.85 -20.03
N GLN A 94 -7.21 27.06 -20.08
CA GLN A 94 -8.35 27.46 -19.25
C GLN A 94 -9.64 26.69 -19.44
N ASP A 95 -9.80 26.03 -20.58
CA ASP A 95 -11.02 25.26 -20.83
C ASP A 95 -11.03 24.00 -19.97
N ALA A 96 -9.85 23.38 -19.84
CA ALA A 96 -9.72 22.17 -19.03
C ALA A 96 -9.78 22.55 -17.55
N ILE A 97 -9.16 23.68 -17.19
CA ILE A 97 -9.16 24.15 -15.82
C ILE A 97 -10.58 24.47 -15.39
N HIS A 98 -11.39 24.91 -16.35
CA HIS A 98 -12.77 25.24 -16.09
C HIS A 98 -13.49 23.94 -15.74
N TYR A 99 -13.35 22.94 -16.61
CA TYR A 99 -13.99 21.65 -16.41
C TYR A 99 -13.60 21.00 -15.09
N MET A 100 -12.30 21.02 -14.78
CA MET A 100 -11.80 20.41 -13.56
C MET A 100 -12.34 21.02 -12.27
N THR A 101 -12.22 22.33 -12.14
CA THR A 101 -12.69 23.01 -10.93
C THR A 101 -14.19 22.96 -10.72
N GLU A 102 -14.96 22.97 -11.82
CA GLU A 102 -16.41 22.92 -11.69
C GLU A 102 -16.90 21.52 -11.33
N GLN A 103 -16.13 20.51 -11.74
CA GLN A 103 -16.47 19.10 -11.46
C GLN A 103 -15.93 18.66 -10.10
N ALA A 104 -14.91 19.36 -9.61
CA ALA A 104 -14.27 19.04 -8.34
C ALA A 104 -15.23 18.66 -7.22
N PRO A 105 -16.16 19.56 -6.86
CA PRO A 105 -17.12 19.27 -5.79
C PRO A 105 -17.81 17.92 -5.97
N ALA A 106 -18.44 17.73 -7.12
CA ALA A 106 -19.15 16.48 -7.40
C ALA A 106 -18.20 15.29 -7.33
N SER A 107 -16.97 15.49 -7.81
CA SER A 107 -15.97 14.43 -7.80
C SER A 107 -15.53 14.04 -6.39
N VAL A 108 -15.39 15.03 -5.51
CA VAL A 108 -14.98 14.75 -4.14
C VAL A 108 -16.11 14.08 -3.36
N VAL A 109 -17.34 14.57 -3.56
CA VAL A 109 -18.48 13.99 -2.87
C VAL A 109 -18.65 12.55 -3.35
N GLU A 110 -18.28 12.31 -4.60
CA GLU A 110 -18.38 10.98 -5.17
C GLU A 110 -17.44 10.04 -4.41
N LEU A 111 -16.25 10.56 -4.10
CA LEU A 111 -15.26 9.77 -3.36
C LEU A 111 -15.76 9.46 -1.95
N GLU A 112 -16.27 10.48 -1.27
CA GLU A 112 -16.77 10.32 0.08
C GLU A 112 -17.92 9.31 0.10
N ASN A 113 -18.80 9.38 -0.90
CA ASN A 113 -19.92 8.46 -0.99
C ASN A 113 -19.43 7.06 -1.33
N TYR A 114 -18.21 6.96 -1.84
CA TYR A 114 -17.62 5.67 -2.17
C TYR A 114 -17.13 5.02 -0.88
N GLY A 115 -16.91 5.85 0.13
CA GLY A 115 -16.45 5.35 1.41
C GLY A 115 -15.17 5.98 1.94
N MET A 116 -14.55 6.85 1.16
CA MET A 116 -13.31 7.49 1.59
C MET A 116 -13.50 8.10 2.98
N PRO A 117 -12.66 7.69 3.95
CA PRO A 117 -12.70 8.16 5.33
C PRO A 117 -12.14 9.56 5.56
N PHE A 118 -12.78 10.55 4.95
CA PHE A 118 -12.34 11.94 5.11
C PHE A 118 -12.40 12.35 6.58
N SER A 119 -11.54 13.30 6.95
CA SER A 119 -11.54 13.81 8.32
C SER A 119 -12.77 14.71 8.38
N ARG A 120 -13.43 14.75 9.53
CA ARG A 120 -14.65 15.54 9.65
C ARG A 120 -14.57 16.85 10.44
N THR A 121 -15.59 17.68 10.24
CA THR A 121 -15.72 18.96 10.93
C THR A 121 -16.77 18.75 12.00
N GLU A 122 -17.11 19.78 12.76
CA GLU A 122 -18.12 19.61 13.79
C GLU A 122 -19.51 19.43 13.20
N ASP A 123 -19.70 19.89 11.97
CA ASP A 123 -20.99 19.74 11.31
C ASP A 123 -21.12 18.35 10.68
N GLY A 124 -20.03 17.59 10.75
CA GLY A 124 -20.04 16.24 10.19
C GLY A 124 -19.76 16.23 8.71
N LYS A 125 -19.17 17.30 8.21
CA LYS A 125 -18.86 17.41 6.80
C LYS A 125 -17.36 17.21 6.56
N ILE A 126 -16.98 17.03 5.31
CA ILE A 126 -15.58 16.83 4.95
C ILE A 126 -14.73 18.00 5.38
N TYR A 127 -13.68 17.71 6.13
CA TYR A 127 -12.77 18.74 6.61
C TYR A 127 -11.82 19.16 5.50
N GLN A 128 -11.69 20.47 5.29
CA GLN A 128 -10.80 20.99 4.26
C GLN A 128 -9.78 21.87 4.97
N ARG A 129 -8.68 22.19 4.29
CA ARG A 129 -7.68 23.04 4.92
C ARG A 129 -6.90 23.89 3.93
N ALA A 130 -6.18 24.87 4.46
CA ALA A 130 -5.40 25.79 3.64
C ALA A 130 -4.29 25.07 2.87
N PHE A 131 -3.87 25.67 1.77
CA PHE A 131 -2.81 25.10 0.96
C PHE A 131 -2.19 26.13 0.02
N GLY A 132 -1.02 25.78 -0.51
CA GLY A 132 -0.29 26.66 -1.41
C GLY A 132 -1.08 27.52 -2.38
N GLY A 133 -0.96 28.83 -2.20
CA GLY A 133 -1.62 29.79 -3.08
C GLY A 133 -3.06 29.56 -3.51
N GLN A 134 -3.99 29.61 -2.56
CA GLN A 134 -5.41 29.46 -2.88
C GLN A 134 -6.16 30.51 -2.09
N SER A 135 -6.78 31.45 -2.81
CA SER A 135 -7.50 32.54 -2.16
C SER A 135 -9.00 32.54 -2.38
N LEU A 136 -9.65 33.61 -1.91
CA LEU A 136 -11.09 33.79 -2.05
C LEU A 136 -11.33 35.00 -2.93
N LYS A 137 -12.58 35.17 -3.36
CA LYS A 137 -12.98 36.28 -4.20
C LYS A 137 -11.89 36.71 -5.18
N PHE A 138 -11.44 35.75 -5.98
CA PHE A 138 -10.42 35.97 -7.01
C PHE A 138 -9.13 36.61 -6.53
N GLY A 139 -8.50 36.02 -5.53
CA GLY A 139 -7.25 36.56 -5.02
C GLY A 139 -7.37 37.81 -4.16
N LYS A 140 -8.60 38.18 -3.83
CA LYS A 140 -8.83 39.38 -3.02
C LYS A 140 -9.38 39.00 -1.64
N GLY A 141 -10.21 37.98 -1.59
CA GLY A 141 -10.83 37.55 -0.35
C GLY A 141 -9.98 36.92 0.75
N GLY A 142 -8.71 36.63 0.45
CA GLY A 142 -7.86 36.04 1.46
C GLY A 142 -7.66 34.54 1.33
N GLN A 143 -6.85 33.97 2.22
CA GLN A 143 -6.55 32.53 2.22
C GLN A 143 -7.78 31.64 2.22
N ALA A 144 -7.84 30.73 1.25
CA ALA A 144 -8.96 29.81 1.12
C ALA A 144 -8.68 28.47 1.80
N HIS A 145 -9.74 27.76 2.15
CA HIS A 145 -9.64 26.46 2.81
C HIS A 145 -10.53 25.45 2.11
N ARG A 146 -10.05 24.87 1.03
CA ARG A 146 -10.82 23.89 0.27
C ARG A 146 -10.05 22.62 -0.03
N CYS A 147 -8.97 22.39 0.71
CA CYS A 147 -8.17 21.19 0.50
C CYS A 147 -8.72 20.05 1.35
N CYS A 148 -9.64 19.28 0.77
CA CYS A 148 -10.26 18.16 1.46
C CYS A 148 -9.17 17.13 1.77
N CYS A 149 -9.27 16.44 2.89
CA CYS A 149 -8.26 15.46 3.22
C CYS A 149 -8.60 14.43 4.29
N VAL A 150 -7.96 13.27 4.17
CA VAL A 150 -8.12 12.16 5.11
C VAL A 150 -6.89 12.21 6.00
N ALA A 151 -6.96 13.03 7.04
CA ALA A 151 -5.85 13.18 7.97
C ALA A 151 -4.62 13.62 7.17
N ASP A 152 -3.61 12.75 7.10
CA ASP A 152 -2.38 13.05 6.37
C ASP A 152 -2.06 11.96 5.36
N ARG A 153 -3.00 11.05 5.17
CA ARG A 153 -2.83 9.94 4.23
C ARG A 153 -3.98 9.89 3.22
N THR A 154 -4.29 11.04 2.64
CA THR A 154 -5.38 11.15 1.67
C THR A 154 -5.16 10.31 0.42
N GLY A 155 -3.94 10.34 -0.11
CA GLY A 155 -3.64 9.58 -1.30
C GLY A 155 -3.87 8.09 -1.06
N HIS A 156 -3.27 7.59 0.02
CA HIS A 156 -3.41 6.19 0.39
C HIS A 156 -4.88 5.81 0.52
N SER A 157 -5.67 6.67 1.13
CA SER A 157 -7.10 6.40 1.31
C SER A 157 -7.83 6.50 -0.03
N LEU A 158 -7.44 7.48 -0.85
CA LEU A 158 -8.06 7.67 -2.15
C LEU A 158 -7.90 6.41 -3.01
N LEU A 159 -6.68 5.94 -3.16
CA LEU A 159 -6.40 4.76 -3.96
C LEU A 159 -7.12 3.52 -3.43
N HIS A 160 -7.08 3.32 -2.12
CA HIS A 160 -7.71 2.15 -1.53
C HIS A 160 -9.22 2.09 -1.71
N THR A 161 -9.92 3.20 -1.49
CA THR A 161 -11.37 3.20 -1.66
C THR A 161 -11.71 2.97 -3.12
N LEU A 162 -10.95 3.61 -4.02
CA LEU A 162 -11.18 3.47 -5.45
C LEU A 162 -10.96 2.01 -5.84
N TYR A 163 -9.88 1.42 -5.34
CA TYR A 163 -9.60 0.02 -5.65
C TYR A 163 -10.77 -0.80 -5.14
N GLY A 164 -11.10 -0.61 -3.86
CA GLY A 164 -12.21 -1.35 -3.28
C GLY A 164 -13.44 -1.26 -4.15
N ARG A 165 -13.81 -0.04 -4.52
CA ARG A 165 -14.99 0.19 -5.35
C ARG A 165 -14.91 -0.55 -6.68
N SER A 166 -13.70 -0.73 -7.20
CA SER A 166 -13.52 -1.43 -8.47
C SER A 166 -13.84 -2.92 -8.38
N LEU A 167 -13.61 -3.51 -7.21
CA LEU A 167 -13.89 -4.94 -7.03
C LEU A 167 -15.36 -5.21 -7.29
N ARG A 168 -16.15 -4.16 -7.22
CA ARG A 168 -17.60 -4.24 -7.42
C ARG A 168 -18.02 -4.50 -8.86
N TYR A 169 -17.08 -4.34 -9.81
CA TYR A 169 -17.41 -4.55 -11.21
C TYR A 169 -16.69 -5.73 -11.88
N ASP A 170 -17.04 -5.97 -13.15
CA ASP A 170 -16.49 -7.06 -13.93
C ASP A 170 -15.22 -6.72 -14.72
N THR A 171 -14.47 -5.73 -14.25
CA THR A 171 -13.25 -5.34 -14.94
C THR A 171 -12.18 -6.43 -14.79
N SER A 172 -11.52 -6.75 -15.89
CA SER A 172 -10.46 -7.77 -15.88
C SER A 172 -9.12 -7.07 -15.63
N TYR A 173 -8.58 -7.23 -14.42
CA TYR A 173 -7.31 -6.60 -14.08
C TYR A 173 -6.08 -7.46 -14.28
N PHE A 174 -5.29 -7.12 -15.29
CA PHE A 174 -4.05 -7.83 -15.58
C PHE A 174 -3.00 -7.29 -14.61
N VAL A 175 -2.88 -7.94 -13.46
CA VAL A 175 -1.94 -7.50 -12.45
C VAL A 175 -0.49 -7.87 -12.71
N GLU A 176 0.40 -6.90 -12.49
CA GLU A 176 1.83 -7.06 -12.69
C GLU A 176 2.18 -7.39 -14.14
N TYR A 177 1.59 -6.63 -15.05
CA TYR A 177 1.82 -6.76 -16.49
C TYR A 177 2.51 -5.49 -16.96
N PHE A 178 3.57 -5.63 -17.74
CA PHE A 178 4.31 -4.47 -18.23
C PHE A 178 3.92 -4.07 -19.65
N ALA A 179 3.31 -2.90 -19.79
CA ALA A 179 2.89 -2.40 -21.10
C ALA A 179 4.15 -2.05 -21.87
N LEU A 180 4.32 -2.68 -23.04
CA LEU A 180 5.49 -2.43 -23.86
C LEU A 180 5.28 -1.32 -24.88
N ASP A 181 4.16 -1.36 -25.59
CA ASP A 181 3.86 -0.36 -26.59
C ASP A 181 2.39 -0.33 -26.96
N LEU A 182 1.99 0.75 -27.63
CA LEU A 182 0.63 0.92 -28.08
C LEU A 182 0.48 0.16 -29.39
N LEU A 183 -0.67 -0.45 -29.62
CA LEU A 183 -0.92 -1.16 -30.86
C LEU A 183 -1.50 -0.15 -31.82
N MET A 184 -0.62 0.52 -32.55
CA MET A 184 -1.04 1.55 -33.49
C MET A 184 -1.22 1.01 -34.90
N GLU A 185 -2.17 1.60 -35.63
CA GLU A 185 -2.44 1.20 -37.00
C GLU A 185 -3.08 2.34 -37.78
N ASN A 186 -2.30 2.95 -38.67
CA ASN A 186 -2.76 4.06 -39.48
C ASN A 186 -3.26 5.23 -38.63
N GLY A 187 -2.46 5.62 -37.64
CA GLY A 187 -2.85 6.72 -36.77
C GLY A 187 -3.98 6.44 -35.81
N GLU A 188 -4.36 5.18 -35.67
CA GLU A 188 -5.44 4.80 -34.76
C GLU A 188 -4.94 3.77 -33.76
N CYS A 189 -5.32 3.91 -32.50
CA CYS A 189 -4.90 2.99 -31.46
C CYS A 189 -5.83 1.79 -31.41
N ARG A 190 -5.25 0.59 -31.36
CA ARG A 190 -6.03 -0.65 -31.32
C ARG A 190 -5.85 -1.39 -30.00
N GLY A 191 -5.07 -0.81 -29.09
CA GLY A 191 -4.84 -1.45 -27.81
C GLY A 191 -3.39 -1.42 -27.40
N VAL A 192 -2.99 -2.36 -26.54
CA VAL A 192 -1.61 -2.43 -26.07
C VAL A 192 -1.07 -3.85 -26.09
N ILE A 193 0.25 -3.94 -26.08
CA ILE A 193 0.95 -5.22 -26.07
C ILE A 193 1.78 -5.21 -24.79
N ALA A 194 1.62 -6.23 -23.94
CA ALA A 194 2.35 -6.25 -22.68
C ALA A 194 3.08 -7.55 -22.35
N LEU A 195 3.94 -7.47 -21.35
CA LEU A 195 4.73 -8.61 -20.89
C LEU A 195 4.26 -9.05 -19.50
N CYS A 196 3.70 -10.25 -19.43
CA CYS A 196 3.23 -10.81 -18.17
C CYS A 196 4.42 -11.19 -17.30
N ILE A 197 4.80 -10.28 -16.41
CA ILE A 197 5.94 -10.49 -15.51
C ILE A 197 5.99 -11.85 -14.82
N GLU A 198 4.83 -12.46 -14.59
CA GLU A 198 4.79 -13.76 -13.92
C GLU A 198 5.44 -14.90 -14.71
N ASP A 199 5.05 -15.06 -15.97
CA ASP A 199 5.62 -16.13 -16.79
C ASP A 199 6.41 -15.65 -18.00
N GLY A 200 6.58 -14.33 -18.11
CA GLY A 200 7.33 -13.77 -19.22
C GLY A 200 6.67 -13.86 -20.58
N SER A 201 5.39 -14.25 -20.61
CA SER A 201 4.67 -14.37 -21.87
C SER A 201 4.27 -12.98 -22.38
N ILE A 202 3.90 -12.90 -23.66
CA ILE A 202 3.50 -11.64 -24.27
C ILE A 202 2.01 -11.65 -24.61
N HIS A 203 1.31 -10.57 -24.25
CA HIS A 203 -0.12 -10.48 -24.52
C HIS A 203 -0.50 -9.22 -25.29
N ARG A 204 -1.31 -9.40 -26.32
CA ARG A 204 -1.77 -8.29 -27.15
C ARG A 204 -3.24 -8.01 -26.82
N ILE A 205 -3.48 -7.09 -25.89
CA ILE A 205 -4.83 -6.73 -25.50
C ILE A 205 -5.34 -5.65 -26.45
N ARG A 206 -6.23 -6.01 -27.36
CA ARG A 206 -6.75 -5.02 -28.31
C ARG A 206 -8.17 -4.61 -27.97
N ALA A 207 -8.46 -3.32 -28.17
CA ALA A 207 -9.78 -2.78 -27.90
C ALA A 207 -10.12 -1.63 -28.84
N ARG A 208 -11.28 -1.03 -28.62
CA ARG A 208 -11.74 0.09 -29.44
C ARG A 208 -11.17 1.39 -28.89
N ASN A 209 -10.90 1.39 -27.59
CA ASN A 209 -10.36 2.57 -26.92
C ASN A 209 -9.29 2.19 -25.91
N THR A 210 -8.28 3.05 -25.79
CA THR A 210 -7.19 2.83 -24.87
C THR A 210 -6.97 4.08 -24.01
N VAL A 211 -6.79 3.89 -22.71
CA VAL A 211 -6.57 4.99 -21.80
C VAL A 211 -5.21 4.87 -21.12
N VAL A 212 -4.35 5.86 -21.33
CA VAL A 212 -3.02 5.84 -20.74
C VAL A 212 -2.95 6.66 -19.46
N ALA A 213 -2.74 5.97 -18.35
CA ALA A 213 -2.63 6.60 -17.04
C ALA A 213 -1.46 5.96 -16.32
N THR A 214 -0.27 6.13 -16.89
CA THR A 214 0.95 5.54 -16.33
C THR A 214 1.76 6.38 -15.35
N GLY A 215 1.24 7.54 -14.96
CA GLY A 215 1.97 8.37 -14.02
C GLY A 215 3.12 9.16 -14.61
N GLY A 216 3.97 9.71 -13.75
CA GLY A 216 5.10 10.52 -14.20
C GLY A 216 6.43 9.81 -14.42
N TYR A 217 7.50 10.60 -14.46
CA TYR A 217 8.83 10.07 -14.69
C TYR A 217 9.90 10.75 -13.83
N GLY A 218 9.59 10.97 -12.56
CA GLY A 218 10.54 11.62 -11.68
C GLY A 218 11.88 10.93 -11.63
N ARG A 219 11.86 9.60 -11.73
CA ARG A 219 13.07 8.78 -11.69
C ARG A 219 14.13 9.12 -12.75
N THR A 220 13.82 10.09 -13.60
CA THR A 220 14.77 10.51 -14.62
C THR A 220 15.87 11.29 -13.93
N TYR A 221 15.58 11.70 -12.69
CA TYR A 221 16.53 12.45 -11.87
C TYR A 221 17.18 11.59 -10.80
N PHE A 222 18.10 12.19 -10.06
CA PHE A 222 18.83 11.50 -9.00
C PHE A 222 18.09 11.56 -7.67
N SER A 223 17.53 12.72 -7.36
CA SER A 223 16.79 12.90 -6.11
C SER A 223 15.36 13.33 -6.38
N CYS A 224 14.41 12.47 -6.03
CA CYS A 224 12.99 12.75 -6.24
C CYS A 224 12.14 12.15 -5.13
N THR A 225 10.92 12.68 -4.99
CA THR A 225 9.99 12.20 -3.97
C THR A 225 9.19 11.00 -4.48
N SER A 226 9.26 10.74 -5.77
CA SER A 226 8.53 9.64 -6.39
C SER A 226 9.14 8.26 -6.19
N ALA A 227 8.30 7.23 -6.32
CA ALA A 227 8.71 5.85 -6.15
C ALA A 227 9.61 5.36 -7.29
N HIS A 228 10.28 4.23 -7.05
CA HIS A 228 11.18 3.62 -8.04
C HIS A 228 10.43 3.21 -9.30
N THR A 229 9.10 3.22 -9.24
CA THR A 229 8.28 2.82 -10.37
C THR A 229 7.81 3.95 -11.29
N SER A 230 8.05 5.19 -10.89
CA SER A 230 7.66 6.33 -11.72
C SER A 230 8.69 6.48 -12.83
N THR A 231 8.57 5.65 -13.86
CA THR A 231 9.52 5.68 -14.98
C THR A 231 8.95 6.15 -16.33
N GLY A 232 7.85 6.90 -16.27
CA GLY A 232 7.24 7.43 -17.47
C GLY A 232 7.07 6.47 -18.64
N ASP A 233 6.72 5.23 -18.34
CA ASP A 233 6.54 4.20 -19.35
C ASP A 233 5.44 4.54 -20.36
N GLY A 234 4.44 5.31 -19.92
CA GLY A 234 3.37 5.67 -20.81
C GLY A 234 3.81 6.74 -21.80
N THR A 235 4.57 7.70 -21.30
CA THR A 235 5.08 8.78 -22.14
C THR A 235 5.88 8.16 -23.27
N ALA A 236 6.76 7.23 -22.92
CA ALA A 236 7.62 6.56 -23.88
C ALA A 236 6.82 5.90 -25.00
N MET A 237 5.76 5.19 -24.64
CA MET A 237 4.91 4.53 -25.64
C MET A 237 4.41 5.53 -26.65
N VAL A 238 3.83 6.63 -26.17
CA VAL A 238 3.32 7.68 -27.05
C VAL A 238 4.46 8.16 -27.94
N THR A 239 5.63 8.35 -27.33
CA THR A 239 6.80 8.80 -28.05
C THR A 239 7.17 7.79 -29.14
N ARG A 240 7.21 6.52 -28.78
CA ARG A 240 7.56 5.47 -29.73
C ARG A 240 6.57 5.39 -30.89
N ALA A 241 5.33 5.84 -30.66
CA ALA A 241 4.32 5.81 -31.70
C ALA A 241 4.48 6.99 -32.66
N GLY A 242 5.40 7.88 -32.33
CA GLY A 242 5.62 9.04 -33.16
C GLY A 242 4.74 10.21 -32.77
N LEU A 243 4.01 10.06 -31.68
CA LEU A 243 3.13 11.13 -31.21
C LEU A 243 3.91 12.13 -30.37
N PRO A 244 3.41 13.36 -30.26
CA PRO A 244 4.09 14.39 -29.46
C PRO A 244 3.82 14.33 -27.96
N CYS A 245 4.74 14.86 -27.18
CA CYS A 245 4.60 14.94 -25.73
C CYS A 245 4.63 16.44 -25.45
N GLN A 246 3.90 16.88 -24.43
CA GLN A 246 3.83 18.31 -24.14
C GLN A 246 4.54 18.78 -22.87
N ASP A 247 5.09 19.99 -22.96
CA ASP A 247 5.80 20.65 -21.87
C ASP A 247 6.56 19.74 -20.91
N LEU A 248 7.39 18.84 -21.44
CA LEU A 248 8.14 17.94 -20.56
C LEU A 248 9.23 18.66 -19.77
N GLU A 249 9.55 19.89 -20.17
CA GLU A 249 10.59 20.66 -19.47
C GLU A 249 10.10 21.12 -18.10
N PHE A 250 8.83 21.52 -18.02
CA PHE A 250 8.28 21.99 -16.77
C PHE A 250 8.20 20.88 -15.72
N VAL A 251 9.27 20.76 -14.94
CA VAL A 251 9.35 19.76 -13.88
C VAL A 251 9.20 20.50 -12.56
N GLN A 252 8.26 20.05 -11.73
CA GLN A 252 8.03 20.69 -10.45
C GLN A 252 8.95 20.23 -9.34
N PHE A 253 9.64 21.19 -8.72
CA PHE A 253 10.53 20.88 -7.61
C PHE A 253 9.81 21.19 -6.31
N HIS A 254 9.61 20.16 -5.49
CA HIS A 254 8.93 20.34 -4.22
C HIS A 254 9.90 20.85 -3.16
N PRO A 255 9.50 21.89 -2.42
CA PRO A 255 10.32 22.50 -1.37
C PRO A 255 10.80 21.53 -0.30
N THR A 256 9.86 20.87 0.38
CA THR A 256 10.19 19.96 1.47
C THR A 256 10.46 18.50 1.09
N GLY A 257 11.74 18.12 1.08
CA GLY A 257 12.11 16.75 0.76
C GLY A 257 13.38 16.38 1.52
N ILE A 258 13.25 15.46 2.46
CA ILE A 258 14.38 15.01 3.28
C ILE A 258 15.68 14.93 2.51
N TYR A 259 16.72 15.54 3.07
CA TYR A 259 18.05 15.54 2.45
C TYR A 259 18.47 14.14 2.04
N GLY A 260 18.05 13.15 2.81
CA GLY A 260 18.42 11.77 2.53
C GLY A 260 17.89 11.13 1.26
N ALA A 261 16.95 10.19 1.44
CA ALA A 261 16.36 9.44 0.33
C ALA A 261 15.45 10.28 -0.57
N GLY A 262 15.12 11.48 -0.12
CA GLY A 262 14.28 12.35 -0.92
C GLY A 262 12.80 12.17 -0.66
N CYS A 263 12.47 11.42 0.39
CA CYS A 263 11.07 11.18 0.76
C CYS A 263 10.39 12.52 0.99
N LEU A 264 9.09 12.56 0.75
CA LEU A 264 8.33 13.80 0.90
C LEU A 264 7.65 14.02 2.25
N ILE A 265 7.50 15.30 2.58
CA ILE A 265 6.83 15.76 3.80
C ILE A 265 5.78 16.75 3.31
N THR A 266 4.55 16.26 3.13
CA THR A 266 3.42 17.05 2.65
C THR A 266 3.51 18.55 2.89
N GLU A 267 3.04 19.32 1.92
CA GLU A 267 3.03 20.76 2.04
C GLU A 267 1.95 21.12 3.04
N GLY A 268 1.15 20.12 3.39
CA GLY A 268 0.08 20.33 4.34
C GLY A 268 0.64 20.83 5.66
N CYS A 269 1.90 20.50 5.91
CA CYS A 269 2.57 20.90 7.13
C CYS A 269 2.55 22.42 7.19
N ARG A 270 2.94 23.05 6.09
CA ARG A 270 2.98 24.50 5.98
C ARG A 270 1.57 25.07 6.07
N GLY A 271 0.62 24.44 5.39
CA GLY A 271 -0.74 24.91 5.43
C GLY A 271 -1.36 24.78 6.81
N GLU A 272 -0.92 23.77 7.56
CA GLU A 272 -1.44 23.54 8.91
C GLU A 272 -0.81 24.49 9.92
N GLY A 273 0.29 25.12 9.54
CA GLY A 273 0.95 26.05 10.44
C GLY A 273 2.46 26.06 10.41
N GLY A 274 3.07 24.92 10.10
CA GLY A 274 4.52 24.83 10.05
C GLY A 274 5.18 25.92 9.22
N ILE A 275 6.48 26.14 9.43
CA ILE A 275 7.22 27.16 8.69
C ILE A 275 8.56 26.64 8.16
N LEU A 276 9.23 27.47 7.37
CA LEU A 276 10.53 27.14 6.80
C LEU A 276 11.58 28.10 7.38
N ILE A 277 12.69 27.56 7.86
CA ILE A 277 13.73 28.39 8.45
C ILE A 277 15.13 28.11 7.90
N ASN A 278 15.86 29.17 7.57
CA ASN A 278 17.21 29.05 7.05
C ASN A 278 18.19 28.97 8.21
N SER A 279 19.48 28.84 7.91
CA SER A 279 20.50 28.75 8.94
C SER A 279 20.47 29.94 9.91
N GLN A 280 20.45 31.15 9.34
CA GLN A 280 20.43 32.36 10.17
C GLN A 280 19.18 32.39 11.04
N GLY A 281 18.18 31.61 10.68
CA GLY A 281 16.95 31.56 11.45
C GLY A 281 15.81 32.41 10.90
N GLU A 282 16.06 33.09 9.78
CA GLU A 282 15.06 33.94 9.17
C GLU A 282 13.97 33.14 8.47
N ARG A 283 12.74 33.65 8.50
CA ARG A 283 11.63 32.99 7.83
C ARG A 283 11.64 33.54 6.41
N PHE A 284 12.78 33.36 5.74
CA PHE A 284 12.96 33.83 4.37
C PHE A 284 11.67 33.84 3.57
N MET A 285 10.86 32.80 3.70
CA MET A 285 9.60 32.75 2.99
C MET A 285 8.67 33.77 3.63
N GLU A 286 9.01 35.04 3.39
CA GLU A 286 8.30 36.18 3.93
C GLU A 286 9.06 37.38 3.39
N ARG A 287 10.26 37.09 2.88
CA ARG A 287 11.15 38.08 2.30
C ARG A 287 10.98 37.98 0.79
N TYR A 288 10.95 36.75 0.29
CA TYR A 288 10.79 36.49 -1.15
C TYR A 288 9.32 36.68 -1.55
N ALA A 289 8.40 36.49 -0.61
CA ALA A 289 6.97 36.63 -0.89
C ALA A 289 6.20 37.00 0.38
N PRO A 290 6.02 38.31 0.62
CA PRO A 290 5.32 38.87 1.79
C PRO A 290 3.94 38.30 2.12
N VAL A 291 2.98 38.49 1.22
CA VAL A 291 1.62 38.02 1.47
C VAL A 291 1.47 36.51 1.64
N ALA A 292 1.77 35.76 0.58
CA ALA A 292 1.65 34.30 0.62
C ALA A 292 2.63 33.65 1.58
N LYS A 293 3.85 34.18 1.64
CA LYS A 293 4.89 33.64 2.51
C LYS A 293 5.13 32.15 2.29
N ASP A 294 5.38 31.47 3.39
CA ASP A 294 5.63 30.03 3.43
C ASP A 294 4.62 29.22 2.61
N LEU A 295 3.45 29.81 2.36
CA LEU A 295 2.40 29.12 1.62
C LEU A 295 2.13 29.73 0.25
N ALA A 296 3.13 29.70 -0.63
CA ALA A 296 3.00 30.23 -1.98
C ALA A 296 3.23 29.13 -3.00
N SER A 297 3.21 29.47 -4.28
CA SER A 297 3.41 28.47 -5.34
C SER A 297 4.65 27.61 -5.10
N ARG A 298 4.54 26.34 -5.48
CA ARG A 298 5.64 25.39 -5.30
C ARG A 298 6.89 25.82 -6.07
N ASP A 299 6.68 26.36 -7.27
CA ASP A 299 7.78 26.79 -8.12
C ASP A 299 8.55 27.95 -7.52
N VAL A 300 7.84 28.85 -6.83
CA VAL A 300 8.48 30.01 -6.22
C VAL A 300 9.14 29.68 -4.89
N VAL A 301 8.38 29.04 -4.01
CA VAL A 301 8.87 28.66 -2.69
C VAL A 301 10.16 27.84 -2.72
N SER A 302 10.31 26.97 -3.71
CA SER A 302 11.52 26.16 -3.80
C SER A 302 12.62 26.98 -4.45
N ARG A 303 12.24 27.80 -5.43
CA ARG A 303 13.18 28.66 -6.12
C ARG A 303 13.88 29.52 -5.08
N SER A 304 13.15 29.79 -4.00
CA SER A 304 13.65 30.59 -2.90
C SER A 304 14.70 29.83 -2.12
N MET A 305 14.28 28.76 -1.47
CA MET A 305 15.18 27.91 -0.68
C MET A 305 16.46 27.62 -1.45
N THR A 306 16.29 26.95 -2.58
CA THR A 306 17.40 26.58 -3.45
C THR A 306 18.39 27.73 -3.60
N LEU A 307 17.86 28.96 -3.55
CA LEU A 307 18.68 30.15 -3.68
C LEU A 307 19.45 30.40 -2.38
N GLU A 308 18.72 30.40 -1.26
CA GLU A 308 19.30 30.61 0.06
C GLU A 308 20.50 29.70 0.31
N ILE A 309 20.48 28.52 -0.29
CA ILE A 309 21.56 27.55 -0.14
C ILE A 309 22.80 28.12 -0.82
N ARG A 310 22.59 28.83 -1.93
CA ARG A 310 23.68 29.42 -2.69
C ARG A 310 24.38 30.53 -1.91
N GLU A 311 23.59 31.43 -1.32
CA GLU A 311 24.14 32.53 -0.54
C GLU A 311 25.02 31.98 0.58
N GLY A 312 24.84 30.70 0.88
CA GLY A 312 25.60 30.06 1.94
C GLY A 312 24.83 30.14 3.24
N ARG A 313 23.70 29.44 3.30
CA ARG A 313 22.85 29.47 4.48
C ARG A 313 22.20 28.11 4.76
N GLY A 314 22.95 27.03 4.54
CA GLY A 314 22.43 25.70 4.78
C GLY A 314 22.24 25.47 6.27
N CYS A 315 21.55 24.39 6.63
CA CYS A 315 21.29 24.10 8.04
C CYS A 315 21.82 22.75 8.50
N GLY A 316 22.86 22.26 7.85
CA GLY A 316 23.44 20.99 8.22
C GLY A 316 24.92 20.94 7.85
N PRO A 317 25.62 19.85 8.18
CA PRO A 317 27.05 19.68 7.88
C PRO A 317 27.58 20.47 6.67
N GLU A 318 27.11 20.12 5.48
CA GLU A 318 27.58 20.78 4.26
C GLU A 318 26.71 21.97 3.84
N LYS A 319 25.84 22.42 4.73
CA LYS A 319 24.94 23.54 4.45
C LYS A 319 24.35 23.42 3.05
N ASP A 320 23.80 22.25 2.75
CA ASP A 320 23.21 21.99 1.44
C ASP A 320 21.68 22.05 1.45
N HIS A 321 21.08 21.92 2.64
CA HIS A 321 19.63 21.94 2.75
C HIS A 321 19.09 23.04 3.65
N VAL A 322 17.83 22.89 4.07
CA VAL A 322 17.17 23.86 4.93
C VAL A 322 16.51 23.12 6.10
N TYR A 323 15.66 23.83 6.85
CA TYR A 323 14.97 23.25 7.99
C TYR A 323 13.49 23.59 8.00
N LEU A 324 12.64 22.56 7.99
CA LEU A 324 11.19 22.74 8.01
C LEU A 324 10.78 22.68 9.48
N GLN A 325 10.00 23.66 9.94
CA GLN A 325 9.58 23.68 11.34
C GLN A 325 8.09 23.43 11.54
N LEU A 326 7.77 22.69 12.61
CA LEU A 326 6.40 22.36 12.96
C LEU A 326 6.26 22.45 14.47
N HIS A 327 7.40 22.45 15.15
CA HIS A 327 7.48 22.52 16.60
C HIS A 327 6.42 23.36 17.34
N HIS A 328 6.28 24.63 16.95
CA HIS A 328 5.33 25.52 17.60
C HIS A 328 3.86 25.13 17.48
N LEU A 329 3.57 24.06 16.78
CA LEU A 329 2.20 23.59 16.63
C LEU A 329 1.83 22.63 17.75
N PRO A 330 0.60 22.71 18.27
CA PRO A 330 0.17 21.82 19.35
C PRO A 330 0.41 20.36 18.99
N PRO A 331 1.13 19.62 19.85
CA PRO A 331 1.44 18.21 19.65
C PRO A 331 0.25 17.37 19.15
N GLU A 332 -0.94 17.70 19.65
CA GLU A 332 -2.15 16.99 19.25
C GLU A 332 -2.48 17.27 17.79
N GLN A 333 -2.34 18.52 17.38
CA GLN A 333 -2.62 18.92 16.01
C GLN A 333 -1.73 18.17 15.03
N LEU A 334 -0.48 17.96 15.41
CA LEU A 334 0.46 17.24 14.55
C LEU A 334 0.10 15.76 14.52
N ALA A 335 -0.77 15.35 15.44
CA ALA A 335 -1.20 13.96 15.54
C ALA A 335 -2.49 13.72 14.77
N VAL A 336 -3.30 14.78 14.64
CA VAL A 336 -4.57 14.68 13.94
C VAL A 336 -4.49 15.21 12.50
N ARG A 337 -3.50 16.05 12.22
CA ARG A 337 -3.37 16.61 10.87
C ARG A 337 -2.13 16.19 10.10
N LEU A 338 -1.09 15.78 10.81
CA LEU A 338 0.15 15.37 10.15
C LEU A 338 0.80 14.12 10.78
N PRO A 339 -0.01 13.11 11.11
CA PRO A 339 0.56 11.89 11.71
C PRO A 339 1.46 11.12 10.76
N GLY A 340 1.15 11.20 9.46
CA GLY A 340 1.94 10.50 8.47
C GLY A 340 3.38 10.97 8.35
N ILE A 341 3.59 12.27 8.43
CA ILE A 341 4.94 12.83 8.33
C ILE A 341 5.76 12.56 9.58
N SER A 342 5.09 12.58 10.74
CA SER A 342 5.76 12.33 12.00
C SER A 342 6.52 11.01 11.94
N GLU A 343 5.86 9.99 11.40
CA GLU A 343 6.45 8.67 11.27
C GLU A 343 7.72 8.69 10.42
N THR A 344 7.56 8.96 9.13
CA THR A 344 8.69 9.00 8.19
C THR A 344 9.74 10.03 8.58
N ALA A 345 9.31 11.13 9.19
CA ALA A 345 10.25 12.15 9.63
C ALA A 345 11.20 11.51 10.63
N MET A 346 10.64 10.63 11.46
CA MET A 346 11.41 9.93 12.48
C MET A 346 12.20 8.78 11.87
N ILE A 347 11.51 7.96 11.09
CA ILE A 347 12.12 6.80 10.44
C ILE A 347 13.27 7.14 9.49
N PHE A 348 13.11 8.18 8.67
CA PHE A 348 14.16 8.56 7.73
C PHE A 348 15.05 9.71 8.17
N ALA A 349 14.65 10.42 9.21
CA ALA A 349 15.46 11.54 9.70
C ALA A 349 15.76 11.39 11.19
N GLY A 350 14.85 10.77 11.91
CA GLY A 350 15.04 10.59 13.34
C GLY A 350 14.73 11.86 14.08
N VAL A 351 13.49 12.32 13.94
CA VAL A 351 13.06 13.56 14.58
C VAL A 351 11.69 13.49 15.24
N ASP A 352 11.53 14.29 16.30
CA ASP A 352 10.26 14.38 17.02
C ASP A 352 9.65 15.70 16.58
N VAL A 353 8.87 15.67 15.51
CA VAL A 353 8.24 16.87 14.99
C VAL A 353 7.64 17.77 16.07
N THR A 354 7.12 17.16 17.14
CA THR A 354 6.51 17.91 18.24
C THR A 354 7.52 18.77 19.00
N LYS A 355 8.81 18.55 18.75
CA LYS A 355 9.85 19.32 19.44
C LYS A 355 11.10 19.61 18.60
N GLU A 356 11.03 19.34 17.30
CA GLU A 356 12.17 19.56 16.40
C GLU A 356 11.73 19.73 14.95
N PRO A 357 12.42 20.62 14.20
CA PRO A 357 12.12 20.88 12.79
C PRO A 357 12.71 19.81 11.88
N ILE A 358 11.99 19.47 10.82
CA ILE A 358 12.42 18.45 9.86
C ILE A 358 13.33 19.00 8.76
N PRO A 359 14.42 18.28 8.45
CA PRO A 359 15.40 18.65 7.42
C PRO A 359 14.89 18.40 5.99
N VAL A 360 14.51 19.48 5.30
CA VAL A 360 13.99 19.36 3.94
C VAL A 360 14.82 20.10 2.89
N LEU A 361 14.68 19.66 1.64
CA LEU A 361 15.41 20.23 0.51
C LEU A 361 14.63 20.05 -0.79
N PRO A 362 14.44 21.14 -1.56
CA PRO A 362 13.71 21.06 -2.83
C PRO A 362 14.22 19.95 -3.74
N THR A 363 13.34 18.97 -4.00
CA THR A 363 13.69 17.83 -4.86
C THR A 363 12.59 17.61 -5.89
N VAL A 364 12.94 16.98 -7.01
CA VAL A 364 11.96 16.70 -8.05
C VAL A 364 10.72 16.10 -7.41
N HIS A 365 9.55 16.42 -7.95
CA HIS A 365 8.31 15.95 -7.36
C HIS A 365 7.20 15.61 -8.36
N TYR A 366 6.77 16.59 -9.14
CA TYR A 366 5.68 16.38 -10.08
C TYR A 366 6.03 16.76 -11.53
N ASN A 367 5.30 16.16 -12.48
CA ASN A 367 5.50 16.45 -13.89
C ASN A 367 4.24 17.00 -14.54
N MET A 368 4.24 18.30 -14.82
CA MET A 368 3.09 18.95 -15.44
C MET A 368 2.96 18.47 -16.88
N GLY A 369 4.10 18.17 -17.50
CA GLY A 369 4.09 17.71 -18.88
C GLY A 369 3.65 16.27 -19.03
N GLY A 370 3.35 15.87 -20.26
CA GLY A 370 2.92 14.52 -20.52
C GLY A 370 2.35 14.35 -21.91
N ILE A 371 1.35 13.48 -22.03
CA ILE A 371 0.70 13.22 -23.31
C ILE A 371 -0.34 14.30 -23.60
N PRO A 372 -0.19 15.02 -24.72
CA PRO A 372 -1.11 16.10 -25.15
C PRO A 372 -2.56 15.63 -25.04
N THR A 373 -3.39 16.38 -24.31
CA THR A 373 -4.76 15.98 -24.11
C THR A 373 -5.86 17.01 -24.32
N ASN A 374 -7.06 16.50 -24.55
CA ASN A 374 -8.27 17.29 -24.76
C ASN A 374 -8.89 17.44 -23.37
N TYR A 375 -9.77 18.41 -23.16
CA TYR A 375 -10.36 18.53 -21.83
C TYR A 375 -11.26 17.33 -21.60
N LYS A 376 -11.38 16.49 -22.64
CA LYS A 376 -12.18 15.27 -22.58
C LYS A 376 -11.28 14.05 -22.44
N GLY A 377 -9.97 14.30 -22.34
CA GLY A 377 -9.02 13.21 -22.17
C GLY A 377 -8.46 12.58 -23.44
N GLN A 378 -8.96 13.03 -24.59
CA GLN A 378 -8.50 12.51 -25.87
C GLN A 378 -7.10 13.02 -26.19
N VAL A 379 -6.24 12.13 -26.67
CA VAL A 379 -4.86 12.49 -27.02
C VAL A 379 -4.83 13.31 -28.30
N LEU A 380 -3.98 14.33 -28.31
CA LEU A 380 -3.87 15.20 -29.48
C LEU A 380 -2.54 15.06 -30.20
N ARG A 381 -2.58 15.26 -31.52
CA ARG A 381 -1.39 15.23 -32.35
C ARG A 381 -1.44 16.56 -33.07
N HIS A 382 -0.32 17.05 -33.56
CA HIS A 382 -0.32 18.34 -34.25
C HIS A 382 -0.19 18.21 -35.76
N VAL A 383 -1.19 18.70 -36.48
CA VAL A 383 -1.18 18.64 -37.94
C VAL A 383 -1.46 20.02 -38.53
N ASN A 384 -0.55 20.52 -39.35
CA ASN A 384 -0.70 21.83 -39.97
C ASN A 384 -1.03 22.88 -38.91
N GLY A 385 -0.26 22.88 -37.82
CA GLY A 385 -0.48 23.84 -36.76
C GLY A 385 -1.87 23.82 -36.14
N GLN A 386 -2.51 22.65 -36.16
CA GLN A 386 -3.84 22.50 -35.59
C GLN A 386 -3.97 21.19 -34.81
N ASP A 387 -4.82 21.20 -33.80
CA ASP A 387 -5.03 20.00 -32.99
C ASP A 387 -5.87 18.97 -33.73
N GLN A 388 -5.54 17.70 -33.52
CA GLN A 388 -6.26 16.60 -34.16
C GLN A 388 -6.37 15.45 -33.17
N VAL A 389 -7.59 14.94 -32.98
CA VAL A 389 -7.82 13.84 -32.05
C VAL A 389 -7.35 12.49 -32.57
N VAL A 390 -6.50 11.82 -31.79
CA VAL A 390 -5.98 10.51 -32.16
C VAL A 390 -7.07 9.49 -31.82
N PRO A 391 -7.68 8.90 -32.85
CA PRO A 391 -8.74 7.90 -32.70
C PRO A 391 -8.47 6.78 -31.70
N GLY A 392 -9.40 6.60 -30.76
CA GLY A 392 -9.28 5.55 -29.77
C GLY A 392 -8.10 5.62 -28.82
N LEU A 393 -7.69 6.82 -28.43
CA LEU A 393 -6.57 6.97 -27.51
C LEU A 393 -6.81 8.11 -26.52
N TYR A 394 -6.76 7.77 -25.23
CA TYR A 394 -6.96 8.77 -24.18
C TYR A 394 -5.81 8.73 -23.18
N ALA A 395 -5.72 9.78 -22.36
CA ALA A 395 -4.69 9.88 -21.35
C ALA A 395 -5.18 10.75 -20.20
N CYS A 396 -4.82 10.37 -18.98
CA CYS A 396 -5.23 11.11 -17.79
C CYS A 396 -4.23 10.95 -16.67
N GLY A 397 -4.26 11.88 -15.72
CA GLY A 397 -3.35 11.82 -14.59
C GLY A 397 -2.06 12.57 -14.87
N GLU A 398 -1.03 12.29 -14.08
CA GLU A 398 0.26 12.95 -14.24
C GLU A 398 0.88 12.67 -15.60
N ALA A 399 0.63 11.47 -16.13
CA ALA A 399 1.16 11.06 -17.42
C ALA A 399 0.53 11.85 -18.57
N ALA A 400 -0.62 12.45 -18.30
CA ALA A 400 -1.31 13.23 -19.32
C ALA A 400 -1.01 14.71 -19.16
N CYS A 401 -1.30 15.48 -20.22
CA CYS A 401 -1.08 16.91 -20.16
C CYS A 401 -2.22 17.70 -20.79
N ALA A 402 -3.41 17.61 -20.19
CA ALA A 402 -4.55 18.38 -20.69
C ALA A 402 -4.06 19.77 -20.34
N SER A 403 -3.07 19.76 -19.46
CA SER A 403 -2.41 20.95 -18.95
C SER A 403 -3.35 21.86 -18.20
N VAL A 404 -3.79 21.38 -17.04
CA VAL A 404 -4.67 22.11 -16.16
C VAL A 404 -3.73 22.70 -15.12
N HIS A 405 -2.47 22.26 -15.19
CA HIS A 405 -1.42 22.69 -14.28
C HIS A 405 -0.52 23.71 -14.98
N GLY A 406 -0.50 23.65 -16.30
CA GLY A 406 0.32 24.57 -17.08
C GLY A 406 1.81 24.51 -16.75
N ALA A 407 2.37 25.66 -16.40
CA ALA A 407 3.78 25.75 -16.06
C ALA A 407 4.05 25.48 -14.60
N ASN A 408 2.99 25.29 -13.81
CA ASN A 408 3.14 25.00 -12.40
C ASN A 408 1.87 24.48 -11.75
N ARG A 409 1.95 23.28 -11.20
CA ARG A 409 0.82 22.65 -10.54
C ARG A 409 0.55 23.22 -9.15
N LEU A 410 -0.73 23.52 -8.90
CA LEU A 410 -1.16 24.07 -7.61
C LEU A 410 -1.29 22.88 -6.66
N GLY A 411 -0.72 22.98 -5.47
CA GLY A 411 -0.81 21.89 -4.51
C GLY A 411 -2.23 21.39 -4.28
N ALA A 412 -2.38 20.07 -4.23
CA ALA A 412 -3.67 19.42 -4.00
C ALA A 412 -4.57 19.41 -5.23
N ASN A 413 -3.97 19.67 -6.41
CA ASN A 413 -4.72 19.70 -7.65
C ASN A 413 -4.50 18.47 -8.53
N SER A 414 -3.51 17.65 -8.16
CA SER A 414 -3.23 16.45 -8.93
C SER A 414 -4.24 15.35 -8.65
N LEU A 415 -4.48 15.06 -7.37
CA LEU A 415 -5.44 14.02 -7.01
C LEU A 415 -6.79 14.35 -7.62
N LEU A 416 -7.10 15.65 -7.68
CA LEU A 416 -8.35 16.11 -8.26
C LEU A 416 -8.28 15.80 -9.75
N ASP A 417 -7.14 16.12 -10.34
CA ASP A 417 -6.89 15.87 -11.75
C ASP A 417 -7.12 14.38 -12.05
N LEU A 418 -6.56 13.53 -11.20
CA LEU A 418 -6.71 12.08 -11.35
C LEU A 418 -8.18 11.71 -11.50
N VAL A 419 -8.94 11.95 -10.43
CA VAL A 419 -10.37 11.64 -10.41
C VAL A 419 -11.21 12.31 -11.48
N VAL A 420 -10.99 13.60 -11.71
CA VAL A 420 -11.79 14.32 -12.70
C VAL A 420 -11.66 13.80 -14.12
N PHE A 421 -10.44 13.74 -14.65
CA PHE A 421 -10.23 13.29 -16.02
C PHE A 421 -10.28 11.77 -16.17
N GLY A 422 -10.13 11.06 -15.07
CA GLY A 422 -10.22 9.61 -15.14
C GLY A 422 -11.66 9.36 -15.51
N ARG A 423 -12.53 10.17 -14.92
CA ARG A 423 -13.97 10.12 -15.16
C ARG A 423 -14.26 10.64 -16.56
N ALA A 424 -13.60 11.72 -16.94
CA ALA A 424 -13.78 12.33 -18.25
C ALA A 424 -13.51 11.32 -19.37
N CYS A 425 -12.42 10.57 -19.25
CA CYS A 425 -12.08 9.58 -20.27
C CYS A 425 -13.21 8.56 -20.40
N ALA A 426 -13.66 8.03 -19.27
CA ALA A 426 -14.73 7.04 -19.27
C ALA A 426 -15.99 7.61 -19.91
N LEU A 427 -16.33 8.85 -19.56
CA LEU A 427 -17.50 9.51 -20.10
C LEU A 427 -17.39 9.78 -21.59
N SER A 428 -16.21 10.19 -22.04
CA SER A 428 -16.00 10.49 -23.46
C SER A 428 -16.18 9.24 -24.31
N ILE A 429 -15.81 8.09 -23.74
CA ILE A 429 -15.93 6.82 -24.44
C ILE A 429 -17.37 6.35 -24.42
N ALA A 430 -18.01 6.48 -23.26
CA ALA A 430 -19.40 6.07 -23.09
C ALA A 430 -20.32 6.95 -23.94
N GLU A 431 -19.90 8.19 -24.15
CA GLU A 431 -20.68 9.14 -24.93
C GLU A 431 -20.40 9.10 -26.43
N SER A 432 -19.32 8.44 -26.84
CA SER A 432 -18.98 8.39 -28.25
C SER A 432 -19.23 7.04 -28.92
N CYS A 433 -19.42 6.00 -28.13
CA CYS A 433 -19.67 4.67 -28.69
C CYS A 433 -20.45 3.79 -27.72
N ARG A 434 -20.71 2.55 -28.13
CA ARG A 434 -21.45 1.59 -27.32
C ARG A 434 -20.68 0.30 -27.10
N PRO A 435 -20.83 -0.32 -25.91
CA PRO A 435 -20.11 -1.57 -25.68
C PRO A 435 -20.54 -2.59 -26.73
N GLY A 436 -19.59 -3.41 -27.18
CA GLY A 436 -19.92 -4.41 -28.18
C GLY A 436 -19.69 -3.94 -29.61
N ASP A 437 -19.33 -2.67 -29.79
CA ASP A 437 -19.08 -2.15 -31.14
C ASP A 437 -17.90 -2.91 -31.72
N LYS A 438 -17.71 -2.81 -33.03
CA LYS A 438 -16.62 -3.52 -33.68
C LYS A 438 -15.25 -3.13 -33.15
N VAL A 439 -14.50 -4.13 -32.70
CA VAL A 439 -13.15 -3.89 -32.21
C VAL A 439 -12.24 -4.03 -33.41
N PRO A 440 -11.57 -2.93 -33.80
CA PRO A 440 -10.66 -2.88 -34.95
C PRO A 440 -9.77 -4.10 -35.15
N SER A 441 -9.38 -4.34 -36.40
CA SER A 441 -8.54 -5.47 -36.73
C SER A 441 -7.13 -5.22 -36.21
N ILE A 442 -6.22 -6.16 -36.49
CA ILE A 442 -4.84 -6.04 -36.06
C ILE A 442 -3.99 -6.97 -36.92
N LYS A 443 -2.89 -6.44 -37.47
CA LYS A 443 -2.01 -7.25 -38.30
C LYS A 443 -1.40 -8.36 -37.46
N PRO A 444 -1.35 -9.59 -38.00
CA PRO A 444 -0.79 -10.74 -37.29
C PRO A 444 0.63 -10.53 -36.76
N ASN A 445 1.23 -9.39 -37.12
CA ASN A 445 2.59 -9.09 -36.68
C ASN A 445 2.67 -7.85 -35.80
N ALA A 446 1.52 -7.30 -35.44
CA ALA A 446 1.47 -6.11 -34.60
C ALA A 446 2.22 -6.31 -33.29
N GLY A 447 3.12 -5.39 -32.97
CA GLY A 447 3.88 -5.49 -31.75
C GLY A 447 5.19 -6.23 -31.91
N GLU A 448 5.44 -6.73 -33.13
CA GLU A 448 6.66 -7.48 -33.41
C GLU A 448 7.90 -6.70 -32.99
N GLU A 449 7.88 -5.39 -33.21
CA GLU A 449 9.02 -4.54 -32.85
C GLU A 449 9.24 -4.59 -31.34
N SER A 450 8.15 -4.50 -30.58
CA SER A 450 8.23 -4.53 -29.13
C SER A 450 8.87 -5.82 -28.62
N VAL A 451 8.39 -6.96 -29.12
CA VAL A 451 8.92 -8.25 -28.71
C VAL A 451 10.40 -8.37 -29.02
N MET A 452 10.79 -7.94 -30.22
CA MET A 452 12.19 -7.99 -30.63
C MET A 452 13.04 -7.18 -29.66
N ASN A 453 12.63 -5.95 -29.39
CA ASN A 453 13.35 -5.10 -28.46
C ASN A 453 13.43 -5.80 -27.11
N LEU A 454 12.37 -6.53 -26.78
CA LEU A 454 12.32 -7.27 -25.52
C LEU A 454 13.42 -8.32 -25.55
N ASP A 455 13.33 -9.21 -26.54
CA ASP A 455 14.31 -10.29 -26.72
C ASP A 455 15.74 -9.78 -26.70
N LYS A 456 15.96 -8.60 -27.29
CA LYS A 456 17.28 -7.99 -27.36
C LYS A 456 17.85 -7.77 -25.95
N LEU A 457 17.26 -6.83 -25.21
CA LEU A 457 17.71 -6.53 -23.86
C LEU A 457 17.74 -7.76 -22.98
N ARG A 458 16.85 -8.71 -23.28
CA ARG A 458 16.74 -9.94 -22.53
C ARG A 458 18.09 -10.66 -22.43
N PHE A 459 18.83 -10.69 -23.53
CA PHE A 459 20.14 -11.35 -23.55
C PHE A 459 21.30 -10.38 -23.78
N ALA A 460 21.12 -9.12 -23.39
CA ALA A 460 22.17 -8.11 -23.57
C ALA A 460 23.51 -8.51 -22.98
N ASN A 461 24.52 -8.65 -23.84
CA ASN A 461 25.87 -9.03 -23.42
C ASN A 461 26.83 -7.84 -23.53
N GLY A 462 26.30 -6.63 -23.40
CA GLY A 462 27.10 -5.43 -23.50
C GLY A 462 28.23 -5.23 -22.50
N THR A 463 28.58 -3.97 -22.27
CA THR A 463 29.66 -3.64 -21.35
C THR A 463 29.21 -2.74 -20.19
N ILE A 464 28.08 -2.04 -20.37
CA ILE A 464 27.56 -1.15 -19.34
C ILE A 464 26.38 -1.77 -18.59
N ARG A 465 26.42 -1.71 -17.27
CA ARG A 465 25.34 -2.27 -16.46
C ARG A 465 24.15 -1.30 -16.44
N THR A 466 22.95 -1.84 -16.53
CA THR A 466 21.73 -1.03 -16.53
C THR A 466 21.76 0.03 -15.44
N SER A 467 22.12 -0.38 -14.23
CA SER A 467 22.18 0.54 -13.10
C SER A 467 23.18 1.66 -13.33
N GLU A 468 24.33 1.30 -13.91
CA GLU A 468 25.37 2.27 -14.19
C GLU A 468 24.86 3.36 -15.12
N LEU A 469 24.20 2.94 -16.19
CA LEU A 469 23.66 3.88 -17.17
C LEU A 469 22.59 4.78 -16.58
N ARG A 470 21.64 4.18 -15.86
CA ARG A 470 20.57 4.95 -15.24
C ARG A 470 21.15 6.02 -14.33
N LEU A 471 22.19 5.63 -13.60
CA LEU A 471 22.86 6.54 -12.67
C LEU A 471 23.52 7.72 -13.39
N SER A 472 23.98 7.48 -14.62
CA SER A 472 24.62 8.52 -15.42
C SER A 472 23.57 9.55 -15.83
N MET A 473 22.42 9.06 -16.26
CA MET A 473 21.31 9.90 -16.70
C MET A 473 20.75 10.74 -15.56
N GLN A 474 20.54 10.10 -14.41
CA GLN A 474 19.99 10.80 -13.25
C GLN A 474 20.84 11.97 -12.77
N LYS A 475 22.11 11.72 -12.50
CA LYS A 475 23.00 12.78 -12.04
C LYS A 475 23.23 13.86 -13.09
N SER A 476 23.09 13.49 -14.36
CA SER A 476 23.26 14.45 -15.45
C SER A 476 22.08 15.42 -15.41
N MET A 477 20.88 14.85 -15.30
CA MET A 477 19.65 15.66 -15.24
C MET A 477 19.67 16.52 -14.00
N GLN A 478 20.14 15.93 -12.90
CA GLN A 478 20.21 16.61 -11.61
C GLN A 478 21.12 17.83 -11.63
N SER A 479 22.16 17.78 -12.44
CA SER A 479 23.11 18.88 -12.53
C SER A 479 22.85 19.89 -13.63
N HIS A 480 22.32 19.44 -14.76
CA HIS A 480 22.05 20.34 -15.88
C HIS A 480 20.62 20.87 -16.02
N ALA A 481 19.66 20.19 -15.41
CA ALA A 481 18.27 20.63 -15.51
C ALA A 481 17.56 20.69 -14.17
N ALA A 482 18.16 21.37 -13.20
CA ALA A 482 17.59 21.50 -11.87
C ALA A 482 16.69 22.72 -11.74
N VAL A 483 16.59 23.23 -10.53
CA VAL A 483 15.76 24.41 -10.24
C VAL A 483 16.19 25.64 -11.03
N PHE A 484 17.47 25.70 -11.39
CA PHE A 484 18.00 26.82 -12.15
C PHE A 484 18.78 26.33 -13.36
N ARG A 485 18.68 27.05 -14.47
CA ARG A 485 19.37 26.64 -15.69
C ARG A 485 19.75 27.76 -16.66
N VAL A 486 20.70 27.47 -17.53
CA VAL A 486 21.20 28.41 -18.53
C VAL A 486 21.67 27.65 -19.77
N GLY A 487 21.63 28.31 -20.92
CA GLY A 487 22.04 27.71 -22.17
C GLY A 487 23.29 26.84 -22.10
N SER A 488 24.32 27.34 -21.43
CA SER A 488 25.57 26.62 -21.29
C SER A 488 25.34 25.29 -20.59
N VAL A 489 24.90 25.38 -19.34
CA VAL A 489 24.62 24.20 -18.52
C VAL A 489 23.63 23.27 -19.20
N LEU A 490 22.66 23.85 -19.89
CA LEU A 490 21.63 23.06 -20.58
C LEU A 490 22.16 22.34 -21.81
N GLN A 491 22.88 23.05 -22.66
CA GLN A 491 23.42 22.43 -23.87
C GLN A 491 24.42 21.32 -23.56
N GLU A 492 25.25 21.52 -22.55
CA GLU A 492 26.22 20.49 -22.19
C GLU A 492 25.41 19.29 -21.76
N GLY A 493 24.27 19.56 -21.11
CA GLY A 493 23.40 18.50 -20.65
C GLY A 493 22.76 17.71 -21.78
N CYS A 494 22.26 18.43 -22.77
CA CYS A 494 21.62 17.80 -23.91
C CYS A 494 22.57 16.81 -24.58
N GLU A 495 23.70 17.30 -25.07
CA GLU A 495 24.68 16.44 -25.72
C GLU A 495 25.17 15.37 -24.73
N LYS A 496 25.15 15.71 -23.45
CA LYS A 496 25.58 14.78 -22.41
C LYS A 496 24.57 13.65 -22.29
N ILE A 497 23.29 13.99 -22.40
CA ILE A 497 22.23 13.00 -22.30
C ILE A 497 22.04 12.23 -23.61
N LEU A 498 22.25 12.91 -24.73
CA LEU A 498 22.14 12.28 -26.05
C LEU A 498 23.26 11.27 -26.18
N ARG A 499 24.32 11.52 -25.42
CA ARG A 499 25.50 10.67 -25.41
C ARG A 499 25.15 9.35 -24.72
N LEU A 500 24.46 9.46 -23.59
CA LEU A 500 24.05 8.29 -22.83
C LEU A 500 23.04 7.46 -23.62
N TYR A 501 22.18 8.15 -24.37
CA TYR A 501 21.17 7.47 -25.17
C TYR A 501 21.88 6.55 -26.15
N GLY A 502 23.06 6.96 -26.60
CA GLY A 502 23.81 6.15 -27.53
C GLY A 502 24.30 4.88 -26.86
N ASP A 503 24.62 4.98 -25.58
CA ASP A 503 25.11 3.85 -24.81
C ASP A 503 24.09 2.74 -24.57
N LEU A 504 22.81 3.02 -24.82
CA LEU A 504 21.77 2.02 -24.62
C LEU A 504 22.04 0.73 -25.38
N GLN A 505 22.99 0.78 -26.30
CA GLN A 505 23.34 -0.40 -27.10
C GLN A 505 24.53 -1.16 -26.53
N HIS A 506 25.17 -0.57 -25.52
CA HIS A 506 26.33 -1.18 -24.88
C HIS A 506 25.96 -1.63 -23.46
N LEU A 507 24.67 -1.78 -23.18
CA LEU A 507 24.23 -2.18 -21.86
C LEU A 507 24.28 -3.69 -21.64
N LYS A 508 24.62 -4.07 -20.41
CA LYS A 508 24.73 -5.47 -20.02
C LYS A 508 23.66 -5.89 -19.03
N THR A 509 23.03 -7.03 -19.31
CA THR A 509 22.00 -7.57 -18.44
C THR A 509 22.52 -8.95 -18.02
N PHE A 510 22.13 -9.40 -16.83
CA PHE A 510 22.59 -10.69 -16.35
C PHE A 510 21.48 -11.73 -16.24
N ASP A 511 20.37 -11.37 -15.62
CA ASP A 511 19.25 -12.29 -15.48
C ASP A 511 18.73 -12.61 -16.88
N ARG A 512 18.38 -13.87 -17.11
CA ARG A 512 17.88 -14.29 -18.42
C ARG A 512 16.74 -15.30 -18.35
N GLY A 513 16.04 -15.31 -17.23
CA GLY A 513 14.93 -16.22 -17.08
C GLY A 513 13.66 -15.59 -17.63
N MET A 514 12.56 -16.33 -17.58
CA MET A 514 11.28 -15.83 -18.07
C MET A 514 10.41 -15.31 -16.93
N VAL A 515 10.69 -15.76 -15.72
CA VAL A 515 9.91 -15.36 -14.56
C VAL A 515 10.51 -14.18 -13.79
N TRP A 516 9.68 -13.18 -13.52
CA TRP A 516 10.09 -11.98 -12.79
C TRP A 516 11.52 -11.52 -13.06
N ASN A 517 11.75 -11.09 -14.30
CA ASN A 517 13.07 -10.60 -14.69
C ASN A 517 13.13 -9.11 -14.44
N THR A 518 13.13 -8.72 -13.17
CA THR A 518 13.20 -7.31 -12.81
C THR A 518 14.43 -6.69 -13.47
N ASP A 519 15.38 -7.54 -13.83
CA ASP A 519 16.60 -7.09 -14.49
C ASP A 519 16.20 -6.59 -15.87
N LEU A 520 15.36 -7.35 -16.55
CA LEU A 520 14.87 -7.01 -17.89
C LEU A 520 13.94 -5.80 -17.90
N VAL A 521 12.99 -5.77 -16.96
CA VAL A 521 12.04 -4.67 -16.90
C VAL A 521 12.67 -3.35 -16.48
N GLU A 522 13.50 -3.38 -15.43
CA GLU A 522 14.15 -2.15 -14.99
C GLU A 522 14.97 -1.56 -16.14
N THR A 523 15.41 -2.42 -17.04
CA THR A 523 16.16 -1.98 -18.21
C THR A 523 15.16 -1.34 -19.16
N LEU A 524 14.08 -2.07 -19.44
CA LEU A 524 13.03 -1.56 -20.31
C LEU A 524 12.60 -0.19 -19.81
N GLU A 525 12.56 -0.02 -18.49
CA GLU A 525 12.18 1.24 -17.88
C GLU A 525 13.23 2.28 -18.19
N LEU A 526 14.49 1.86 -18.24
CA LEU A 526 15.59 2.77 -18.55
C LEU A 526 15.35 3.37 -19.92
N GLN A 527 15.01 2.51 -20.88
CA GLN A 527 14.74 2.95 -22.24
C GLN A 527 13.68 4.04 -22.20
N ASN A 528 12.68 3.88 -21.34
CA ASN A 528 11.63 4.86 -21.23
C ASN A 528 12.12 6.15 -20.59
N LEU A 529 12.79 6.01 -19.46
CA LEU A 529 13.31 7.18 -18.75
C LEU A 529 14.15 8.07 -19.68
N MET A 530 14.94 7.45 -20.54
CA MET A 530 15.78 8.19 -21.47
C MET A 530 14.96 9.05 -22.43
N LEU A 531 13.95 8.45 -23.05
CA LEU A 531 13.10 9.18 -23.98
C LEU A 531 12.45 10.39 -23.32
N CYS A 532 12.25 10.32 -22.01
CA CYS A 532 11.64 11.43 -21.30
C CYS A 532 12.68 12.50 -20.99
N ALA A 533 13.88 12.06 -20.62
CA ALA A 533 14.97 12.98 -20.30
C ALA A 533 15.34 13.81 -21.52
N LEU A 534 15.47 13.15 -22.67
CA LEU A 534 15.83 13.83 -23.91
C LEU A 534 14.87 14.98 -24.20
N GLN A 535 13.58 14.74 -24.04
CA GLN A 535 12.58 15.75 -24.32
C GLN A 535 12.50 16.81 -23.24
N THR A 536 12.87 16.44 -22.01
CA THR A 536 12.84 17.39 -20.91
C THR A 536 13.98 18.40 -21.04
N ILE A 537 15.20 17.90 -21.17
CA ILE A 537 16.38 18.74 -21.28
C ILE A 537 16.38 19.61 -22.55
N TYR A 538 15.99 19.03 -23.68
CA TYR A 538 15.97 19.78 -24.94
C TYR A 538 14.91 20.86 -24.95
N GLY A 539 13.68 20.49 -24.60
CA GLY A 539 12.61 21.47 -24.58
C GLY A 539 12.96 22.57 -23.60
N ALA A 540 13.79 22.23 -22.61
CA ALA A 540 14.21 23.17 -21.59
C ALA A 540 15.21 24.19 -22.13
N GLU A 541 16.17 23.72 -22.90
CA GLU A 541 17.19 24.60 -23.47
C GLU A 541 16.57 25.57 -24.47
N ALA A 542 15.61 25.08 -25.24
CA ALA A 542 14.94 25.89 -26.24
C ALA A 542 14.05 26.99 -25.67
N ARG A 543 13.38 26.71 -24.55
CA ARG A 543 12.50 27.70 -23.94
C ARG A 543 13.30 28.82 -23.29
N LYS A 544 13.43 29.93 -24.02
CA LYS A 544 14.18 31.08 -23.52
C LYS A 544 13.29 32.14 -22.88
N GLU A 545 12.85 31.82 -21.67
CA GLU A 545 12.00 32.68 -20.85
C GLU A 545 11.85 32.02 -19.49
N SER A 546 11.25 32.74 -18.54
CA SER A 546 11.03 32.22 -17.21
C SER A 546 9.54 32.20 -16.87
N ARG A 547 8.97 31.00 -16.84
CA ARG A 547 7.55 30.84 -16.53
C ARG A 547 7.38 29.64 -15.61
N GLY A 548 6.64 29.82 -14.52
CA GLY A 548 6.42 28.74 -13.59
C GLY A 548 7.69 28.12 -13.06
N ALA A 549 7.75 26.80 -13.10
CA ALA A 549 8.93 26.07 -12.61
C ALA A 549 10.18 26.30 -13.44
N HIS A 550 10.00 26.57 -14.74
CA HIS A 550 11.14 26.79 -15.62
C HIS A 550 11.71 28.18 -15.46
N ALA A 551 12.86 28.26 -14.78
CA ALA A 551 13.52 29.53 -14.53
C ALA A 551 14.89 29.60 -15.19
N ARG A 552 15.02 30.45 -16.20
CA ARG A 552 16.28 30.63 -16.91
C ARG A 552 17.00 31.87 -16.39
N GLU A 553 18.31 31.76 -16.20
CA GLU A 553 19.10 32.89 -15.72
C GLU A 553 19.34 33.82 -16.89
N ASP A 554 19.43 33.25 -18.09
CA ASP A 554 19.65 34.01 -19.31
C ASP A 554 18.44 34.91 -19.51
N PHE A 555 17.25 34.32 -19.40
CA PHE A 555 16.02 35.05 -19.62
C PHE A 555 15.06 34.99 -18.43
N LYS A 556 15.25 35.87 -17.46
CA LYS A 556 14.38 35.89 -16.29
C LYS A 556 13.10 36.64 -16.64
N GLU A 557 12.68 36.54 -17.90
CA GLU A 557 11.48 37.21 -18.38
C GLU A 557 10.32 36.29 -18.74
N ARG A 558 9.13 36.87 -18.67
CA ARG A 558 7.89 36.16 -18.99
C ARG A 558 7.46 36.67 -20.37
N VAL A 559 8.03 36.09 -21.41
CA VAL A 559 7.74 36.48 -22.79
C VAL A 559 6.37 36.01 -23.28
N ASP A 560 5.39 36.93 -23.25
CA ASP A 560 4.04 36.63 -23.70
C ASP A 560 3.80 37.29 -25.06
N GLU A 561 2.57 37.20 -25.56
CA GLU A 561 2.23 37.80 -26.85
C GLU A 561 2.32 39.32 -26.71
N TYR A 562 1.91 39.82 -25.55
CA TYR A 562 1.96 41.25 -25.26
C TYR A 562 2.79 41.42 -23.98
N ASP A 563 2.88 42.64 -23.51
CA ASP A 563 3.59 42.94 -22.27
C ASP A 563 2.47 43.27 -21.29
N TYR A 564 1.91 42.24 -20.68
CA TYR A 564 0.81 42.39 -19.75
C TYR A 564 1.04 43.20 -18.49
N SER A 565 2.25 43.74 -18.33
CA SER A 565 2.53 44.56 -17.16
C SER A 565 1.84 45.90 -17.38
N LYS A 566 2.21 46.58 -18.46
CA LYS A 566 1.61 47.86 -18.81
C LYS A 566 0.30 47.60 -19.54
N PRO A 567 -0.42 48.64 -19.96
CA PRO A 567 -1.69 48.47 -20.66
C PRO A 567 -1.58 47.71 -21.99
N ILE A 568 -2.73 47.43 -22.57
CA ILE A 568 -2.81 46.71 -23.83
C ILE A 568 -3.83 47.34 -24.77
N GLN A 569 -3.37 47.76 -25.95
CA GLN A 569 -4.21 48.40 -26.97
C GLN A 569 -3.33 49.10 -28.00
N GLY A 570 -2.56 50.09 -27.53
CA GLY A 570 -1.67 50.80 -28.44
C GLY A 570 -0.45 49.94 -28.69
N GLN A 571 -0.34 48.88 -27.89
CA GLN A 571 0.77 47.92 -27.98
C GLN A 571 0.52 46.93 -29.11
N GLN A 572 1.60 46.41 -29.69
CA GLN A 572 1.48 45.45 -30.79
C GLN A 572 1.68 44.01 -30.32
N LYS A 573 0.91 43.10 -30.93
CA LYS A 573 0.97 41.67 -30.61
C LYS A 573 2.12 41.01 -31.36
N LYS A 574 3.00 40.33 -30.63
CA LYS A 574 4.14 39.65 -31.23
C LYS A 574 3.68 38.41 -32.00
N PRO A 575 4.38 38.04 -33.07
CA PRO A 575 4.00 36.86 -33.85
C PRO A 575 4.09 35.63 -32.96
N PHE A 576 3.27 34.62 -33.24
CA PHE A 576 3.26 33.41 -32.43
C PHE A 576 4.64 32.80 -32.20
N GLN A 577 5.43 32.70 -33.27
CA GLN A 577 6.76 32.12 -33.18
C GLN A 577 7.79 33.11 -32.66
N GLU A 578 7.30 34.21 -32.09
CA GLU A 578 8.19 35.23 -31.55
C GLU A 578 8.11 35.34 -30.02
N HIS A 579 7.07 34.75 -29.43
CA HIS A 579 6.92 34.75 -27.97
C HIS A 579 6.93 33.31 -27.45
N TRP A 580 6.92 33.14 -26.12
CA TRP A 580 6.95 31.81 -25.55
C TRP A 580 5.71 31.35 -24.77
N ARG A 581 4.61 32.06 -24.91
CA ARG A 581 3.39 31.65 -24.22
C ARG A 581 2.72 30.60 -25.11
N LYS A 582 3.34 29.44 -25.17
CA LYS A 582 2.84 28.33 -25.98
C LYS A 582 3.38 27.02 -25.43
N HIS A 583 2.69 25.92 -25.70
CA HIS A 583 3.11 24.61 -25.23
C HIS A 583 4.24 24.06 -26.08
N THR A 584 5.13 23.31 -25.45
CA THR A 584 6.25 22.71 -26.17
C THR A 584 5.85 21.31 -26.61
N LEU A 585 5.95 21.06 -27.91
CA LEU A 585 5.63 19.75 -28.47
C LEU A 585 6.93 19.10 -28.88
N SER A 586 7.23 17.94 -28.30
CA SER A 586 8.47 17.25 -28.61
C SER A 586 8.31 15.86 -29.18
N TYR A 587 9.22 15.50 -30.08
CA TYR A 587 9.23 14.18 -30.71
C TYR A 587 10.66 13.68 -30.60
N VAL A 588 10.89 12.47 -31.09
CA VAL A 588 12.24 11.91 -31.06
C VAL A 588 12.35 10.63 -31.88
N ASP A 589 13.37 10.56 -32.72
CA ASP A 589 13.60 9.40 -33.55
C ASP A 589 14.11 8.29 -32.64
N VAL A 590 13.23 7.35 -32.31
CA VAL A 590 13.56 6.23 -31.44
C VAL A 590 14.93 5.63 -31.75
N LYS A 591 15.28 5.60 -33.04
CA LYS A 591 16.53 5.01 -33.47
C LYS A 591 17.79 5.86 -33.29
N THR A 592 17.68 7.17 -33.39
CA THR A 592 18.85 8.04 -33.25
C THR A 592 18.79 8.91 -31.99
N GLY A 593 17.60 9.09 -31.45
CA GLY A 593 17.44 9.91 -30.27
C GLY A 593 17.46 11.39 -30.64
N LYS A 594 17.14 11.68 -31.90
CA LYS A 594 17.11 13.06 -32.38
C LYS A 594 15.83 13.75 -31.97
N VAL A 595 15.95 14.81 -31.18
CA VAL A 595 14.79 15.54 -30.72
C VAL A 595 14.39 16.69 -31.63
N SER A 596 13.16 16.64 -32.11
CA SER A 596 12.61 17.69 -32.96
C SER A 596 11.42 18.21 -32.18
N LEU A 597 11.19 19.52 -32.21
CA LEU A 597 10.06 20.06 -31.45
C LEU A 597 9.34 21.21 -32.13
N GLU A 598 8.07 21.38 -31.76
CA GLU A 598 7.24 22.44 -32.32
C GLU A 598 6.36 23.00 -31.20
N TYR A 599 5.42 23.86 -31.53
CA TYR A 599 4.56 24.44 -30.51
C TYR A 599 3.13 24.66 -30.98
N ARG A 600 2.22 24.71 -30.00
CA ARG A 600 0.81 24.94 -30.28
C ARG A 600 0.29 25.91 -29.23
N PRO A 601 -0.68 26.76 -29.59
CA PRO A 601 -1.24 27.74 -28.66
C PRO A 601 -1.87 27.12 -27.42
N VAL A 602 -1.98 27.90 -26.36
CA VAL A 602 -2.61 27.43 -25.14
C VAL A 602 -4.05 27.93 -25.28
N ILE A 603 -5.02 27.17 -24.77
CA ILE A 603 -6.40 27.61 -24.88
C ILE A 603 -6.74 28.59 -23.76
N ASP A 604 -7.21 29.78 -24.16
CA ASP A 604 -7.56 30.81 -23.18
C ASP A 604 -9.05 30.91 -22.93
N LYS A 605 -9.86 30.49 -23.92
CA LYS A 605 -11.30 30.54 -23.77
C LYS A 605 -11.75 29.40 -22.87
N THR A 606 -12.77 29.66 -22.05
CA THR A 606 -13.30 28.64 -21.16
C THR A 606 -14.45 27.92 -21.87
N LEU A 607 -15.18 27.08 -21.15
CA LEU A 607 -16.29 26.36 -21.76
C LEU A 607 -17.53 27.24 -21.91
N ASN A 608 -17.56 28.34 -21.15
CA ASN A 608 -18.68 29.27 -21.22
C ASN A 608 -18.32 30.60 -20.55
N GLU A 609 -18.05 31.61 -21.37
CA GLU A 609 -17.70 32.93 -20.87
C GLU A 609 -18.67 33.44 -19.81
N ALA A 610 -19.96 33.16 -20.02
CA ALA A 610 -21.00 33.60 -19.10
C ALA A 610 -20.92 32.96 -17.72
N ASP A 611 -20.51 31.70 -17.66
CA ASP A 611 -20.43 30.99 -16.39
C ASP A 611 -19.05 31.12 -15.74
N CYS A 612 -18.02 31.21 -16.57
CA CYS A 612 -16.65 31.34 -16.05
C CYS A 612 -15.79 32.15 -17.02
N ALA A 613 -15.60 33.42 -16.70
CA ALA A 613 -14.83 34.33 -17.54
C ALA A 613 -13.35 33.98 -17.64
N THR A 614 -12.78 34.25 -18.82
CA THR A 614 -11.36 34.00 -19.07
C THR A 614 -10.54 34.97 -18.25
N VAL A 615 -9.40 34.51 -17.75
CA VAL A 615 -8.53 35.37 -16.96
C VAL A 615 -7.28 35.68 -17.79
N PRO A 616 -7.17 36.93 -18.27
CA PRO A 616 -6.02 37.36 -19.07
C PRO A 616 -4.70 37.31 -18.30
N PRO A 617 -3.59 37.07 -19.01
CA PRO A 617 -2.29 37.00 -18.35
C PRO A 617 -2.00 38.27 -17.56
N ALA A 618 -1.47 38.10 -16.37
CA ALA A 618 -1.13 39.23 -15.49
C ALA A 618 0.27 38.99 -14.98
N ILE A 619 0.72 39.80 -14.03
CA ILE A 619 2.05 39.61 -13.48
C ILE A 619 2.06 38.50 -12.45
N ARG A 620 3.09 37.65 -12.54
CA ARG A 620 3.27 36.51 -11.65
C ARG A 620 3.88 36.96 -10.32
N SER A 621 3.15 36.78 -9.23
CA SER A 621 3.66 37.18 -7.92
C SER A 621 2.78 36.73 -6.76
N TYR A 622 3.42 36.28 -5.69
CA TYR A 622 2.71 35.83 -4.50
C TYR A 622 3.21 36.57 -3.26
N PRO B 9 36.00 1.43 6.53
CA PRO B 9 35.38 0.28 5.84
C PRO B 9 34.56 -0.57 6.82
N ARG B 10 33.29 -0.74 6.52
CA ARG B 10 32.40 -1.53 7.35
C ARG B 10 31.58 -2.51 6.54
N ILE B 11 32.07 -3.74 6.44
CA ILE B 11 31.39 -4.78 5.68
C ILE B 11 30.30 -5.45 6.51
N LYS B 12 29.14 -5.62 5.89
CA LYS B 12 28.00 -6.26 6.54
C LYS B 12 27.64 -7.49 5.72
N LYS B 13 27.42 -8.61 6.38
CA LYS B 13 27.07 -9.84 5.67
C LYS B 13 25.56 -9.98 5.50
N PHE B 14 25.16 -10.47 4.32
CA PHE B 14 23.75 -10.67 4.02
C PHE B 14 23.44 -12.04 3.46
N ALA B 15 22.68 -12.83 4.20
CA ALA B 15 22.29 -14.16 3.77
C ALA B 15 20.90 -14.00 3.18
N ILE B 16 20.76 -14.31 1.89
CA ILE B 16 19.47 -14.16 1.24
C ILE B 16 18.95 -15.43 0.57
N TYR B 17 17.66 -15.66 0.75
CA TYR B 17 16.98 -16.81 0.18
C TYR B 17 16.94 -16.64 -1.33
N ARG B 18 17.01 -17.74 -2.07
CA ARG B 18 16.98 -17.67 -3.53
C ARG B 18 16.35 -18.92 -4.17
N TRP B 19 15.80 -18.74 -5.36
CA TRP B 19 15.21 -19.83 -6.12
C TRP B 19 14.79 -19.37 -7.51
N ASP B 20 15.41 -19.97 -8.51
CA ASP B 20 15.11 -19.62 -9.89
C ASP B 20 14.18 -20.63 -10.54
N PRO B 21 12.98 -20.19 -10.93
CA PRO B 21 11.97 -21.05 -11.57
C PRO B 21 12.44 -21.52 -12.94
N ASP B 22 13.28 -20.72 -13.59
CA ASP B 22 13.79 -21.04 -14.91
C ASP B 22 15.18 -21.67 -14.90
N LYS B 23 15.49 -22.41 -13.84
CA LYS B 23 16.77 -23.10 -13.72
C LYS B 23 16.53 -24.53 -13.28
N THR B 24 16.28 -25.40 -14.26
CA THR B 24 16.01 -26.81 -14.03
C THR B 24 16.65 -27.40 -12.78
N GLY B 25 15.84 -28.09 -11.98
CA GLY B 25 16.34 -28.74 -10.78
C GLY B 25 16.88 -27.84 -9.68
N ASP B 26 16.71 -26.53 -9.80
CA ASP B 26 17.21 -25.62 -8.78
C ASP B 26 16.39 -25.81 -7.51
N LYS B 27 17.06 -25.73 -6.36
CA LYS B 27 16.38 -25.89 -5.08
C LYS B 27 16.68 -24.70 -4.16
N PRO B 28 15.70 -24.32 -3.33
CA PRO B 28 15.85 -23.20 -2.40
C PRO B 28 17.18 -23.22 -1.66
N HIS B 29 17.90 -22.10 -1.69
CA HIS B 29 19.19 -22.02 -1.00
C HIS B 29 19.55 -20.59 -0.65
N MET B 30 20.40 -20.44 0.35
CA MET B 30 20.85 -19.13 0.82
C MET B 30 22.13 -18.69 0.14
N GLN B 31 22.15 -17.45 -0.34
CA GLN B 31 23.31 -16.88 -1.00
C GLN B 31 23.76 -15.70 -0.17
N THR B 32 25.02 -15.69 0.26
CA THR B 32 25.54 -14.61 1.07
C THR B 32 26.17 -13.50 0.24
N TYR B 33 25.92 -12.26 0.64
CA TYR B 33 26.49 -11.11 -0.04
C TYR B 33 27.14 -10.21 0.99
N GLU B 34 28.15 -9.46 0.57
CA GLU B 34 28.87 -8.55 1.45
C GLU B 34 28.73 -7.12 0.93
N ILE B 35 28.50 -6.18 1.85
CA ILE B 35 28.32 -4.78 1.47
C ILE B 35 29.00 -3.79 2.41
N ASP B 36 29.66 -2.80 1.84
CA ASP B 36 30.34 -1.76 2.62
C ASP B 36 29.26 -0.77 3.06
N LEU B 37 28.82 -0.88 4.30
CA LEU B 37 27.77 -0.01 4.83
C LEU B 37 28.01 1.49 4.69
N ASN B 38 29.24 1.90 4.40
CA ASN B 38 29.52 3.32 4.22
C ASN B 38 29.05 3.75 2.83
N ASN B 39 29.02 2.78 1.91
CA ASN B 39 28.59 3.01 0.55
C ASN B 39 27.15 2.54 0.37
N CYS B 40 26.31 2.74 1.38
CA CYS B 40 24.93 2.29 1.29
C CYS B 40 23.95 3.10 2.14
N GLY B 41 22.66 2.78 1.99
CA GLY B 41 21.63 3.46 2.75
C GLY B 41 21.48 2.84 4.12
N PRO B 42 20.64 3.42 4.99
CA PRO B 42 20.44 2.90 6.34
C PRO B 42 19.45 1.72 6.41
N MET B 43 18.56 1.62 5.43
CA MET B 43 17.56 0.56 5.42
C MET B 43 17.95 -0.71 4.67
N VAL B 44 17.29 -1.80 4.99
CA VAL B 44 17.54 -3.09 4.36
C VAL B 44 17.30 -3.05 2.86
N LEU B 45 16.26 -2.32 2.44
CA LEU B 45 15.96 -2.22 1.02
C LEU B 45 17.13 -1.62 0.26
N ASP B 46 17.77 -0.62 0.88
CA ASP B 46 18.91 0.04 0.25
C ASP B 46 19.97 -1.00 -0.08
N ALA B 47 20.18 -1.94 0.84
CA ALA B 47 21.15 -3.00 0.65
C ALA B 47 20.71 -3.88 -0.53
N LEU B 48 19.44 -4.26 -0.52
CA LEU B 48 18.88 -5.09 -1.59
C LEU B 48 19.09 -4.42 -2.94
N ILE B 49 18.73 -3.15 -3.02
CA ILE B 49 18.88 -2.38 -4.25
C ILE B 49 20.34 -2.31 -4.67
N LYS B 50 21.22 -2.14 -3.68
CA LYS B 50 22.66 -2.05 -3.95
C LYS B 50 23.24 -3.31 -4.56
N ILE B 51 23.04 -4.46 -3.91
CA ILE B 51 23.56 -5.73 -4.42
C ILE B 51 22.84 -6.04 -5.72
N LYS B 52 21.70 -5.39 -5.93
CA LYS B 52 20.90 -5.58 -7.14
C LYS B 52 21.57 -4.89 -8.32
N ASN B 53 22.04 -3.66 -8.09
CA ASN B 53 22.68 -2.88 -9.14
C ASN B 53 24.17 -3.11 -9.33
N GLU B 54 24.85 -3.65 -8.31
CA GLU B 54 26.29 -3.86 -8.42
C GLU B 54 26.77 -5.30 -8.39
N ILE B 55 26.27 -6.08 -7.43
CA ILE B 55 26.69 -7.46 -7.27
C ILE B 55 25.96 -8.46 -8.16
N ASP B 56 24.64 -8.54 -8.00
CA ASP B 56 23.84 -9.47 -8.78
C ASP B 56 22.43 -8.96 -9.06
N SER B 57 22.20 -8.53 -10.29
CA SER B 57 20.91 -8.00 -10.71
C SER B 57 19.91 -9.11 -11.04
N THR B 58 20.20 -10.33 -10.58
CA THR B 58 19.31 -11.46 -10.81
C THR B 58 18.46 -11.61 -9.54
N LEU B 59 18.82 -10.85 -8.51
CA LEU B 59 18.10 -10.87 -7.26
C LEU B 59 16.78 -10.15 -7.51
N THR B 60 15.67 -10.86 -7.32
CA THR B 60 14.37 -10.28 -7.57
C THR B 60 13.54 -10.08 -6.30
N PHE B 61 12.88 -8.93 -6.22
CA PHE B 61 12.05 -8.58 -5.08
C PHE B 61 11.18 -7.37 -5.42
N ARG B 62 10.04 -7.26 -4.75
CA ARG B 62 9.12 -6.15 -4.98
C ARG B 62 9.50 -4.91 -4.17
N ARG B 63 9.33 -3.74 -4.77
CA ARG B 63 9.61 -2.48 -4.09
C ARG B 63 9.02 -1.33 -4.89
N SER B 64 8.85 -0.17 -4.25
CA SER B 64 8.28 0.97 -4.95
C SER B 64 8.47 2.31 -4.23
N CYS B 65 7.70 2.55 -3.18
CA CYS B 65 7.78 3.82 -2.46
C CYS B 65 9.02 4.01 -1.57
N ARG B 66 9.64 2.90 -1.15
CA ARG B 66 10.81 2.98 -0.28
C ARG B 66 10.58 4.03 0.81
N GLU B 67 9.30 4.24 1.11
CA GLU B 67 8.88 5.23 2.11
C GLU B 67 8.04 4.57 3.21
N GLY B 68 7.70 3.31 2.99
CA GLY B 68 6.93 2.56 3.98
C GLY B 68 5.42 2.72 3.98
N ILE B 69 4.83 3.06 2.83
CA ILE B 69 3.38 3.23 2.78
C ILE B 69 2.67 2.51 1.64
N CYS B 70 3.42 1.84 0.77
CA CYS B 70 2.81 1.13 -0.35
C CYS B 70 2.69 -0.36 -0.03
N GLY B 71 3.56 -0.85 0.86
CA GLY B 71 3.54 -2.24 1.27
C GLY B 71 4.12 -3.25 0.30
N SER B 72 5.03 -2.81 -0.56
CA SER B 72 5.63 -3.73 -1.53
C SER B 72 6.77 -4.55 -0.94
N CYS B 73 7.44 -4.01 0.08
CA CYS B 73 8.57 -4.68 0.71
C CYS B 73 8.30 -6.00 1.44
N ALA B 74 7.22 -6.06 2.20
CA ALA B 74 6.86 -7.26 2.96
C ALA B 74 7.77 -8.48 2.74
N MET B 75 8.58 -8.79 3.74
CA MET B 75 9.49 -9.93 3.70
C MET B 75 10.02 -10.18 5.11
N ASN B 76 10.48 -11.39 5.37
CA ASN B 76 10.99 -11.74 6.70
C ASN B 76 12.47 -11.40 6.88
N ILE B 77 12.74 -10.45 7.76
CA ILE B 77 14.11 -10.02 8.04
C ILE B 77 14.51 -10.42 9.46
N ASN B 78 15.43 -11.36 9.58
CA ASN B 78 15.89 -11.84 10.88
C ASN B 78 14.74 -12.41 11.70
N GLY B 79 13.98 -13.31 11.08
CA GLY B 79 12.86 -13.95 11.75
C GLY B 79 11.62 -13.11 11.96
N GLY B 80 11.56 -11.92 11.37
CA GLY B 80 10.39 -11.08 11.56
C GLY B 80 9.90 -10.43 10.29
N ASN B 81 8.58 -10.40 10.12
CA ASN B 81 7.97 -9.79 8.94
C ASN B 81 7.82 -8.29 9.09
N THR B 82 8.45 -7.54 8.19
CA THR B 82 8.38 -6.09 8.20
C THR B 82 8.61 -5.53 6.81
N LEU B 83 8.83 -4.22 6.73
CA LEU B 83 9.06 -3.56 5.46
C LEU B 83 10.55 -3.26 5.30
N ALA B 84 11.17 -3.93 4.34
CA ALA B 84 12.60 -3.77 4.07
C ALA B 84 13.07 -2.32 4.01
N CYS B 85 12.21 -1.42 3.52
CA CYS B 85 12.57 -0.01 3.38
C CYS B 85 12.43 0.79 4.67
N THR B 86 11.98 0.15 5.74
CA THR B 86 11.82 0.83 7.01
C THR B 86 12.71 0.21 8.10
N ARG B 87 13.01 -1.07 7.96
CA ARG B 87 13.86 -1.77 8.92
C ARG B 87 15.32 -1.43 8.63
N ARG B 88 15.96 -0.74 9.56
CA ARG B 88 17.36 -0.36 9.41
C ARG B 88 18.28 -1.55 9.65
N ILE B 89 19.30 -1.67 8.82
CA ILE B 89 20.26 -2.76 8.89
C ILE B 89 20.96 -2.78 10.26
N ASP B 90 21.32 -3.97 10.71
CA ASP B 90 22.00 -4.11 12.00
C ASP B 90 23.48 -3.79 11.78
N THR B 91 23.92 -2.64 12.27
CA THR B 91 25.31 -2.22 12.11
C THR B 91 26.32 -3.15 12.76
N ASN B 92 25.85 -4.18 13.45
CA ASN B 92 26.74 -5.14 14.11
C ASN B 92 27.32 -6.10 13.07
N LEU B 93 28.48 -5.73 12.52
CA LEU B 93 29.14 -6.51 11.50
C LEU B 93 29.33 -7.98 11.88
N ASP B 94 29.25 -8.28 13.17
CA ASP B 94 29.41 -9.66 13.64
C ASP B 94 28.21 -10.52 13.27
N LYS B 95 27.03 -9.91 13.21
CA LYS B 95 25.81 -10.63 12.86
C LYS B 95 25.60 -10.63 11.35
N VAL B 96 25.05 -11.72 10.84
CA VAL B 96 24.76 -11.84 9.41
C VAL B 96 23.26 -11.80 9.19
N SER B 97 22.78 -10.74 8.55
CA SER B 97 21.35 -10.57 8.29
C SER B 97 20.76 -11.69 7.43
N LYS B 98 19.62 -12.20 7.86
CA LYS B 98 18.93 -13.28 7.16
C LYS B 98 17.61 -12.80 6.54
N ILE B 99 17.56 -12.76 5.22
CA ILE B 99 16.38 -12.32 4.50
C ILE B 99 15.64 -13.47 3.81
N TYR B 100 14.39 -13.68 4.22
CA TYR B 100 13.56 -14.74 3.65
C TYR B 100 12.25 -14.17 3.12
N PRO B 101 11.54 -14.93 2.27
CA PRO B 101 10.27 -14.47 1.72
C PRO B 101 9.22 -14.54 2.83
N LEU B 102 8.07 -13.90 2.63
CA LEU B 102 7.02 -13.95 3.65
C LEU B 102 6.76 -15.43 3.95
N PRO B 103 6.59 -15.77 5.23
CA PRO B 103 6.33 -17.13 5.71
C PRO B 103 5.17 -17.91 5.08
N HIS B 104 5.36 -19.22 4.99
CA HIS B 104 4.38 -20.15 4.45
C HIS B 104 3.54 -19.62 3.27
N MET B 105 4.23 -19.28 2.19
CA MET B 105 3.60 -18.77 0.98
C MET B 105 4.36 -19.32 -0.22
N TYR B 106 3.68 -19.52 -1.35
CA TYR B 106 4.34 -20.05 -2.53
C TYR B 106 5.29 -19.02 -3.12
N VAL B 107 6.53 -19.41 -3.32
CA VAL B 107 7.54 -18.51 -3.89
C VAL B 107 7.50 -18.54 -5.41
N ILE B 108 7.32 -17.36 -6.01
CA ILE B 108 7.28 -17.22 -7.45
C ILE B 108 8.72 -17.19 -7.94
N LYS B 109 9.57 -16.55 -7.15
CA LYS B 109 10.99 -16.42 -7.46
C LYS B 109 11.64 -15.58 -6.36
N ASP B 110 12.76 -16.08 -5.83
CA ASP B 110 13.50 -15.42 -4.76
C ASP B 110 12.61 -14.90 -3.63
N LEU B 111 12.62 -13.59 -3.41
CA LEU B 111 11.83 -12.99 -2.34
C LEU B 111 10.44 -12.54 -2.78
N VAL B 112 9.96 -13.06 -3.91
CA VAL B 112 8.64 -12.69 -4.41
C VAL B 112 7.59 -13.78 -4.23
N PRO B 113 6.66 -13.59 -3.29
CA PRO B 113 5.58 -14.53 -2.97
C PRO B 113 4.29 -14.27 -3.74
N ASP B 114 3.48 -15.32 -3.89
CA ASP B 114 2.21 -15.22 -4.60
C ASP B 114 1.15 -14.75 -3.61
N LEU B 115 0.72 -13.50 -3.73
CA LEU B 115 -0.28 -12.94 -2.82
C LEU B 115 -1.71 -12.98 -3.38
N SER B 116 -1.91 -13.76 -4.43
CA SER B 116 -3.23 -13.88 -5.06
C SER B 116 -4.34 -14.27 -4.09
N ASN B 117 -4.10 -15.30 -3.28
CA ASN B 117 -5.10 -15.74 -2.32
C ASN B 117 -5.38 -14.62 -1.32
N PHE B 118 -4.30 -13.95 -0.90
CA PHE B 118 -4.39 -12.85 0.04
C PHE B 118 -5.38 -11.82 -0.48
N TYR B 119 -5.13 -11.33 -1.70
CA TYR B 119 -5.99 -10.34 -2.34
C TYR B 119 -7.41 -10.85 -2.53
N ALA B 120 -7.52 -12.09 -3.01
CA ALA B 120 -8.84 -12.69 -3.23
C ALA B 120 -9.65 -12.63 -1.94
N GLN B 121 -9.02 -12.99 -0.82
CA GLN B 121 -9.67 -12.97 0.47
C GLN B 121 -10.16 -11.56 0.85
N TYR B 122 -9.35 -10.56 0.52
CA TYR B 122 -9.71 -9.17 0.81
C TYR B 122 -10.97 -8.79 0.05
N LYS B 123 -11.11 -9.33 -1.16
CA LYS B 123 -12.25 -9.06 -2.00
C LYS B 123 -13.54 -9.68 -1.49
N SER B 124 -13.43 -10.82 -0.82
CA SER B 124 -14.61 -11.53 -0.31
C SER B 124 -15.36 -10.82 0.82
N ILE B 125 -14.74 -9.84 1.46
CA ILE B 125 -15.39 -9.13 2.54
C ILE B 125 -16.09 -7.87 2.03
N GLU B 126 -15.98 -7.62 0.73
CA GLU B 126 -16.58 -6.44 0.11
C GLU B 126 -16.13 -5.17 0.83
N PRO B 127 -14.85 -4.81 0.67
CA PRO B 127 -14.26 -3.62 1.29
C PRO B 127 -14.66 -2.30 0.64
N TYR B 128 -15.93 -1.97 0.74
CA TYR B 128 -16.46 -0.73 0.18
C TYR B 128 -17.77 -0.37 0.85
N LEU B 129 -18.11 0.92 0.84
CA LEU B 129 -19.34 1.37 1.47
C LEU B 129 -20.58 0.80 0.82
N LYS B 130 -21.53 0.36 1.65
CA LYS B 130 -22.78 -0.20 1.17
C LYS B 130 -23.96 0.44 1.87
N LYS B 131 -24.77 1.19 1.11
CA LYS B 131 -25.95 1.86 1.65
C LYS B 131 -27.19 1.11 1.15
N LYS B 132 -28.25 1.11 1.96
CA LYS B 132 -29.49 0.43 1.56
C LYS B 132 -30.15 1.18 0.40
N ASP B 133 -29.88 2.48 0.33
CA ASP B 133 -30.42 3.32 -0.74
C ASP B 133 -29.28 4.01 -1.45
N GLU B 134 -28.89 3.50 -2.61
CA GLU B 134 -27.79 4.07 -3.38
C GLU B 134 -28.32 4.98 -4.50
N SER B 135 -29.59 5.31 -4.44
CA SER B 135 -30.20 6.16 -5.44
C SER B 135 -29.76 7.62 -5.33
N GLN B 136 -29.33 8.03 -4.14
CA GLN B 136 -28.92 9.41 -3.93
C GLN B 136 -27.41 9.60 -3.74
N GLU B 137 -26.62 8.60 -4.08
CA GLU B 137 -25.17 8.73 -3.91
C GLU B 137 -24.55 9.57 -5.03
N GLY B 138 -23.59 10.41 -4.65
CA GLY B 138 -22.91 11.24 -5.61
C GLY B 138 -23.36 12.69 -5.61
N LYS B 139 -24.44 12.99 -4.90
CA LYS B 139 -24.93 14.37 -4.85
C LYS B 139 -24.67 15.15 -3.56
N GLN B 140 -24.64 14.45 -2.43
CA GLN B 140 -24.39 15.12 -1.14
C GLN B 140 -23.39 14.33 -0.32
N GLN B 141 -22.54 15.03 0.43
CA GLN B 141 -21.55 14.36 1.26
C GLN B 141 -22.21 13.81 2.52
N TYR B 142 -22.02 12.51 2.77
CA TYR B 142 -22.60 11.87 3.94
C TYR B 142 -22.05 12.52 5.21
N LEU B 143 -22.86 12.56 6.25
CA LEU B 143 -22.44 13.16 7.51
C LEU B 143 -21.85 12.11 8.44
N GLN B 144 -20.84 12.52 9.21
CA GLN B 144 -20.20 11.62 10.16
C GLN B 144 -19.50 12.46 11.22
N SER B 145 -20.01 12.40 12.44
CA SER B 145 -19.43 13.16 13.54
C SER B 145 -17.98 12.78 13.70
N ILE B 146 -17.17 13.68 14.24
CA ILE B 146 -15.75 13.39 14.43
C ILE B 146 -15.59 12.20 15.38
N GLU B 147 -16.62 11.94 16.19
CA GLU B 147 -16.59 10.82 17.12
C GLU B 147 -16.65 9.53 16.31
N GLU B 148 -17.70 9.39 15.51
CA GLU B 148 -17.89 8.22 14.66
C GLU B 148 -16.65 7.99 13.80
N ARG B 149 -15.99 9.09 13.45
CA ARG B 149 -14.80 9.04 12.61
C ARG B 149 -13.57 8.51 13.34
N GLU B 150 -13.41 8.87 14.61
CA GLU B 150 -12.26 8.41 15.39
C GLU B 150 -12.22 6.89 15.49
N LYS B 151 -13.38 6.26 15.40
CA LYS B 151 -13.46 4.81 15.49
C LYS B 151 -12.70 4.11 14.37
N LEU B 152 -12.38 4.85 13.31
CA LEU B 152 -11.66 4.29 12.18
C LEU B 152 -10.15 4.40 12.33
N ASP B 153 -9.69 5.33 13.18
CA ASP B 153 -8.26 5.52 13.40
C ASP B 153 -7.63 4.21 13.86
N GLY B 154 -6.56 3.81 13.20
CA GLY B 154 -5.89 2.57 13.56
C GLY B 154 -6.39 1.40 12.74
N LEU B 155 -7.41 1.65 11.91
CA LEU B 155 -7.98 0.61 11.08
C LEU B 155 -7.75 0.87 9.60
N TYR B 156 -8.04 2.10 9.17
CA TYR B 156 -7.90 2.50 7.77
C TYR B 156 -6.46 2.71 7.29
N GLU B 157 -5.50 2.74 8.20
CA GLU B 157 -4.11 2.96 7.80
C GLU B 157 -3.45 1.71 7.23
N CYS B 158 -4.18 0.59 7.24
CA CYS B 158 -3.65 -0.67 6.72
C CYS B 158 -3.08 -0.51 5.32
N ILE B 159 -1.85 -0.98 5.13
CA ILE B 159 -1.19 -0.87 3.82
C ILE B 159 -1.31 -2.17 3.04
N LEU B 160 -1.84 -3.20 3.67
CA LEU B 160 -1.99 -4.50 3.03
C LEU B 160 -0.65 -5.11 2.61
N CYS B 161 0.31 -5.15 3.54
CA CYS B 161 1.62 -5.74 3.20
C CYS B 161 1.56 -7.26 3.33
N ALA B 162 0.64 -7.70 4.18
CA ALA B 162 0.40 -9.11 4.40
C ALA B 162 1.40 -9.65 5.37
N CYS B 163 2.08 -8.73 6.03
CA CYS B 163 3.07 -9.09 7.01
C CYS B 163 2.41 -9.81 8.22
N CYS B 164 1.28 -9.28 8.71
CA CYS B 164 0.58 -9.88 9.85
C CYS B 164 0.09 -11.28 9.51
N SER B 165 -0.87 -11.36 8.59
CA SER B 165 -1.43 -12.63 8.16
C SER B 165 -0.36 -13.68 7.89
N THR B 166 0.70 -13.26 7.20
CA THR B 166 1.78 -14.17 6.87
C THR B 166 2.69 -14.48 8.06
N SER B 167 2.26 -14.06 9.25
CA SER B 167 3.03 -14.31 10.48
C SER B 167 2.15 -15.11 11.43
N CYS B 168 0.88 -15.29 11.06
CA CYS B 168 -0.07 -16.02 11.88
C CYS B 168 -0.03 -17.52 11.60
N PRO B 169 0.26 -18.33 12.63
CA PRO B 169 0.33 -19.78 12.50
C PRO B 169 -0.97 -20.39 11.95
N SER B 170 -2.10 -19.82 12.36
CA SER B 170 -3.40 -20.30 11.89
C SER B 170 -3.54 -20.06 10.40
N TYR B 171 -2.95 -18.96 9.94
CA TYR B 171 -3.00 -18.63 8.53
C TYR B 171 -2.04 -19.57 7.80
N TRP B 172 -0.99 -19.98 8.51
CA TRP B 172 0.00 -20.89 7.95
C TRP B 172 -0.63 -22.25 7.65
N TRP B 173 -1.40 -22.74 8.62
CA TRP B 173 -2.05 -24.03 8.52
C TRP B 173 -3.36 -24.02 7.73
N ASN B 174 -4.13 -22.94 7.85
CA ASN B 174 -5.39 -22.86 7.12
C ASN B 174 -5.59 -21.56 6.37
N GLY B 175 -4.56 -21.14 5.64
CA GLY B 175 -4.66 -19.90 4.89
C GLY B 175 -5.71 -19.96 3.79
N ASP B 176 -6.10 -21.16 3.40
CA ASP B 176 -7.09 -21.35 2.35
C ASP B 176 -8.51 -20.95 2.77
N LYS B 177 -8.90 -21.31 4.00
CA LYS B 177 -10.23 -20.98 4.49
C LYS B 177 -10.26 -19.91 5.58
N TYR B 178 -9.14 -19.72 6.27
CA TYR B 178 -9.06 -18.70 7.31
C TYR B 178 -8.65 -17.38 6.65
N LEU B 179 -9.49 -16.35 6.82
CA LEU B 179 -9.25 -15.05 6.21
C LEU B 179 -7.96 -14.33 6.63
N GLY B 180 -7.51 -14.56 7.85
CA GLY B 180 -6.29 -13.91 8.31
C GLY B 180 -6.54 -12.57 8.96
N PRO B 181 -5.56 -12.04 9.73
CA PRO B 181 -5.64 -10.76 10.45
C PRO B 181 -5.92 -9.55 9.54
N ALA B 182 -5.10 -9.39 8.52
CA ALA B 182 -5.23 -8.27 7.59
C ALA B 182 -6.67 -8.09 7.11
N VAL B 183 -7.20 -9.13 6.47
CA VAL B 183 -8.57 -9.09 5.95
C VAL B 183 -9.60 -8.89 7.05
N LEU B 184 -9.48 -9.67 8.13
CA LEU B 184 -10.41 -9.57 9.24
C LEU B 184 -10.47 -8.16 9.81
N MET B 185 -9.33 -7.49 9.91
CA MET B 185 -9.32 -6.13 10.45
C MET B 185 -10.09 -5.18 9.54
N GLN B 186 -9.87 -5.31 8.23
CA GLN B 186 -10.57 -4.45 7.28
C GLN B 186 -12.07 -4.71 7.33
N ALA B 187 -12.45 -5.96 7.54
CA ALA B 187 -13.86 -6.30 7.63
C ALA B 187 -14.40 -5.53 8.82
N TYR B 188 -13.58 -5.41 9.85
CA TYR B 188 -13.98 -4.68 11.04
C TYR B 188 -14.03 -3.19 10.71
N ARG B 189 -13.10 -2.73 9.89
CA ARG B 189 -13.03 -1.33 9.48
C ARG B 189 -14.37 -0.91 8.88
N TRP B 190 -14.97 -1.80 8.11
CA TRP B 190 -16.25 -1.52 7.48
C TRP B 190 -17.44 -1.82 8.38
N MET B 191 -17.23 -2.67 9.37
CA MET B 191 -18.30 -3.00 10.29
C MET B 191 -18.67 -1.80 11.15
N ILE B 192 -17.68 -1.07 11.63
CA ILE B 192 -17.94 0.08 12.49
C ILE B 192 -17.97 1.45 11.81
N ASP B 193 -18.12 1.47 10.49
CA ASP B 193 -18.21 2.75 9.80
C ASP B 193 -19.68 3.18 9.82
N SER B 194 -19.97 4.21 10.61
CA SER B 194 -21.33 4.72 10.78
C SER B 194 -22.11 4.90 9.49
N ARG B 195 -21.41 5.02 8.37
CA ARG B 195 -22.07 5.22 7.08
C ARG B 195 -22.52 3.93 6.39
N ASP B 196 -21.90 2.80 6.76
CA ASP B 196 -22.26 1.53 6.15
C ASP B 196 -23.56 1.01 6.76
N ASP B 197 -24.39 0.34 5.95
CA ASP B 197 -25.66 -0.18 6.42
C ASP B 197 -25.75 -1.71 6.40
N PHE B 198 -24.62 -2.38 6.23
CA PHE B 198 -24.62 -3.84 6.18
C PHE B 198 -23.83 -4.54 7.27
N THR B 199 -23.76 -3.93 8.44
CA THR B 199 -23.03 -4.49 9.57
C THR B 199 -23.49 -5.93 9.84
N GLU B 200 -24.79 -6.11 10.00
CA GLU B 200 -25.36 -7.41 10.28
C GLU B 200 -24.96 -8.48 9.27
N GLU B 201 -25.07 -8.17 7.98
CA GLU B 201 -24.70 -9.14 6.95
C GLU B 201 -23.20 -9.35 6.86
N ARG B 202 -22.41 -8.36 7.26
CA ARG B 202 -20.96 -8.48 7.22
C ARG B 202 -20.50 -9.51 8.27
N LEU B 203 -21.20 -9.53 9.40
CA LEU B 203 -20.88 -10.45 10.48
C LEU B 203 -21.36 -11.85 10.10
N ALA B 204 -22.55 -11.93 9.53
CA ALA B 204 -23.13 -13.20 9.13
C ALA B 204 -22.21 -13.94 8.16
N LYS B 205 -21.44 -13.19 7.39
CA LYS B 205 -20.52 -13.78 6.43
C LYS B 205 -19.41 -14.57 7.12
N LEU B 206 -19.23 -14.32 8.41
CA LEU B 206 -18.21 -15.00 9.19
C LEU B 206 -18.76 -16.14 10.03
N GLN B 207 -20.01 -16.52 9.76
CA GLN B 207 -20.66 -17.59 10.50
C GLN B 207 -20.33 -19.00 10.02
N ASP B 208 -19.08 -19.41 10.25
CA ASP B 208 -18.58 -20.73 9.89
C ASP B 208 -17.37 -20.95 10.78
N PRO B 209 -16.81 -22.17 10.79
CA PRO B 209 -15.65 -22.43 11.64
C PRO B 209 -14.26 -21.97 11.18
N PHE B 210 -14.14 -21.43 9.96
CA PHE B 210 -12.82 -21.03 9.49
C PHE B 210 -12.53 -19.54 9.27
N SER B 211 -13.37 -18.87 8.48
CA SER B 211 -13.19 -17.46 8.18
C SER B 211 -12.63 -16.61 9.33
N LEU B 212 -13.26 -16.69 10.49
CA LEU B 212 -12.85 -15.91 11.65
C LEU B 212 -12.30 -16.72 12.83
N TYR B 213 -13.00 -17.78 13.20
CA TYR B 213 -12.65 -18.60 14.35
C TYR B 213 -11.39 -19.47 14.36
N ARG B 214 -10.52 -19.31 13.38
CA ARG B 214 -9.28 -20.09 13.37
C ARG B 214 -8.27 -19.32 14.21
N CYS B 215 -8.62 -18.08 14.52
CA CYS B 215 -7.79 -17.21 15.34
C CYS B 215 -7.86 -17.62 16.80
N HIS B 216 -6.71 -17.98 17.36
CA HIS B 216 -6.65 -18.41 18.75
C HIS B 216 -5.94 -17.38 19.62
N THR B 217 -5.99 -16.13 19.18
CA THR B 217 -5.38 -15.01 19.91
C THR B 217 -3.89 -15.22 20.18
N ILE B 218 -3.14 -15.62 19.16
CA ILE B 218 -1.70 -15.84 19.30
C ILE B 218 -0.99 -14.49 19.40
N MET B 219 -1.52 -13.50 18.69
CA MET B 219 -0.99 -12.13 18.70
C MET B 219 0.30 -11.84 17.93
N ASN B 220 0.72 -12.73 17.03
CA ASN B 220 1.94 -12.44 16.28
C ASN B 220 1.67 -11.28 15.33
N CYS B 221 0.49 -11.29 14.72
CA CYS B 221 0.12 -10.25 13.77
C CYS B 221 0.42 -8.86 14.32
N THR B 222 -0.20 -8.51 15.44
CA THR B 222 -0.01 -7.22 16.06
C THR B 222 1.45 -6.99 16.44
N GLY B 223 2.12 -8.05 16.85
CA GLY B 223 3.51 -7.93 17.23
C GLY B 223 4.45 -7.78 16.05
N THR B 224 3.91 -7.66 14.85
CA THR B 224 4.77 -7.53 13.68
C THR B 224 4.35 -6.47 12.67
N CYS B 225 3.22 -5.83 12.90
CA CYS B 225 2.74 -4.80 11.98
C CYS B 225 3.76 -3.68 11.81
N PRO B 226 4.16 -3.42 10.56
CA PRO B 226 5.13 -2.37 10.26
C PRO B 226 4.54 -0.98 10.54
N LYS B 227 3.22 -0.93 10.66
CA LYS B 227 2.51 0.32 10.90
C LYS B 227 2.00 0.48 12.33
N GLY B 228 2.41 -0.43 13.21
CA GLY B 228 1.98 -0.36 14.60
C GLY B 228 0.48 -0.49 14.80
N LEU B 229 -0.19 -1.22 13.92
CA LEU B 229 -1.63 -1.41 14.03
C LEU B 229 -1.90 -2.64 14.90
N ASN B 230 -3.16 -2.89 15.22
CA ASN B 230 -3.48 -4.03 16.07
C ASN B 230 -4.60 -4.92 15.53
N PRO B 231 -4.27 -5.84 14.62
CA PRO B 231 -5.27 -6.74 14.05
C PRO B 231 -5.95 -7.56 15.14
N GLY B 232 -5.15 -8.27 15.93
CA GLY B 232 -5.70 -9.08 17.00
C GLY B 232 -6.76 -8.37 17.81
N LYS B 233 -6.43 -7.18 18.29
CA LYS B 233 -7.38 -6.39 19.09
C LYS B 233 -8.67 -6.22 18.30
N ALA B 234 -8.55 -6.16 16.98
CA ALA B 234 -9.71 -6.01 16.11
C ALA B 234 -10.47 -7.32 15.99
N ILE B 235 -9.75 -8.41 15.80
CA ILE B 235 -10.37 -9.73 15.68
C ILE B 235 -11.26 -9.97 16.91
N ALA B 236 -10.75 -9.59 18.08
CA ALA B 236 -11.49 -9.77 19.33
C ALA B 236 -12.78 -8.96 19.35
N GLU B 237 -12.73 -7.75 18.79
CA GLU B 237 -13.91 -6.90 18.75
C GLU B 237 -14.97 -7.56 17.88
N ILE B 238 -14.52 -8.12 16.76
CA ILE B 238 -15.41 -8.80 15.82
C ILE B 238 -16.09 -9.94 16.56
N LYS B 239 -15.28 -10.75 17.23
CA LYS B 239 -15.81 -11.89 17.97
C LYS B 239 -16.90 -11.46 18.95
N LYS B 240 -16.66 -10.35 19.66
CA LYS B 240 -17.65 -9.86 20.60
C LYS B 240 -18.94 -9.48 19.89
N MET B 241 -18.82 -8.80 18.76
CA MET B 241 -19.98 -8.40 17.98
C MET B 241 -20.69 -9.66 17.50
N MET B 242 -19.91 -10.62 17.02
CA MET B 242 -20.43 -11.89 16.52
C MET B 242 -21.32 -12.61 17.50
N ALA B 243 -21.02 -12.47 18.79
CA ALA B 243 -21.80 -13.15 19.82
C ALA B 243 -22.86 -12.28 20.49
N THR B 244 -23.10 -11.09 19.96
CA THR B 244 -24.11 -10.22 20.57
C THR B 244 -25.03 -9.49 19.60
N TYR B 245 -24.83 -9.65 18.29
CA TYR B 245 -25.70 -8.98 17.34
C TYR B 245 -26.98 -9.81 17.19
N LYS B 246 -28.08 -9.15 16.84
CA LYS B 246 -29.36 -9.83 16.72
C LYS B 246 -29.85 -10.12 15.30
N GLU B 247 -30.62 -11.20 15.17
CA GLU B 247 -31.19 -11.66 13.90
C GLU B 247 -30.20 -12.43 13.04
N THR C 3 -14.12 -12.00 -13.17
CA THR C 3 -13.73 -13.11 -12.25
C THR C 3 -14.09 -12.74 -10.81
N THR C 4 -14.67 -13.68 -10.07
CA THR C 4 -15.06 -13.43 -8.68
C THR C 4 -13.99 -13.83 -7.68
N ALA C 5 -14.22 -13.49 -6.42
CA ALA C 5 -13.29 -13.81 -5.35
C ALA C 5 -13.06 -15.31 -5.27
N LYS C 6 -14.15 -16.07 -5.35
CA LYS C 6 -14.07 -17.53 -5.29
C LYS C 6 -13.29 -18.11 -6.47
N GLU C 7 -13.61 -17.66 -7.68
CA GLU C 7 -12.91 -18.16 -8.86
C GLU C 7 -11.43 -17.85 -8.71
N GLU C 8 -11.12 -16.67 -8.19
CA GLU C 8 -9.73 -16.28 -8.00
C GLU C 8 -9.03 -17.25 -7.07
N MET C 9 -9.70 -17.65 -5.99
CA MET C 9 -9.12 -18.59 -5.04
C MET C 9 -8.90 -19.95 -5.71
N GLU C 10 -9.87 -20.40 -6.50
CA GLU C 10 -9.77 -21.66 -7.20
C GLU C 10 -8.54 -21.61 -8.11
N ARG C 11 -8.42 -20.54 -8.88
CA ARG C 11 -7.28 -20.37 -9.79
C ARG C 11 -5.97 -20.45 -9.02
N PHE C 12 -5.92 -19.79 -7.86
CA PHE C 12 -4.74 -19.76 -7.03
C PHE C 12 -4.21 -21.15 -6.71
N TRP C 13 -5.07 -21.99 -6.16
CA TRP C 13 -4.67 -23.34 -5.79
C TRP C 13 -4.36 -24.26 -6.97
N ASN C 14 -5.11 -24.12 -8.04
CA ASN C 14 -4.87 -24.95 -9.22
C ASN C 14 -3.52 -24.63 -9.83
N LYS C 15 -3.11 -23.38 -9.73
CA LYS C 15 -1.83 -22.94 -10.28
C LYS C 15 -0.62 -23.37 -9.45
N ASN C 16 -0.69 -23.16 -8.14
CA ASN C 16 0.42 -23.50 -7.26
C ASN C 16 0.60 -24.99 -6.95
N LEU C 17 -0.48 -25.69 -6.60
CA LEU C 17 -0.38 -27.10 -6.30
C LEU C 17 0.26 -27.87 -7.44
N GLY C 18 -0.10 -27.49 -8.67
CA GLY C 18 0.46 -28.13 -9.84
C GLY C 18 1.61 -27.34 -10.41
N SER C 19 2.70 -27.25 -9.66
CA SER C 19 3.89 -26.51 -10.09
C SER C 19 5.08 -26.91 -9.24
N ASN C 20 6.26 -26.40 -9.61
CA ASN C 20 7.48 -26.69 -8.88
C ASN C 20 7.81 -25.54 -7.92
N ARG C 21 6.78 -24.79 -7.55
CA ARG C 21 6.96 -23.66 -6.63
C ARG C 21 7.12 -24.15 -5.19
N PRO C 22 8.16 -23.67 -4.50
CA PRO C 22 8.44 -24.06 -3.11
C PRO C 22 7.79 -23.14 -2.08
N LEU C 23 7.49 -23.71 -0.92
CA LEU C 23 6.88 -22.96 0.17
C LEU C 23 7.99 -22.31 0.99
N SER C 24 7.95 -21.01 1.14
CA SER C 24 8.96 -20.29 1.92
C SER C 24 8.90 -20.82 3.35
N PRO C 25 10.06 -21.01 3.99
CA PRO C 25 10.12 -21.52 5.36
C PRO C 25 9.31 -20.66 6.33
N HIS C 26 8.90 -21.25 7.45
CA HIS C 26 8.12 -20.55 8.45
C HIS C 26 8.66 -20.73 9.88
N ILE C 27 8.17 -21.77 10.56
CA ILE C 27 8.58 -22.04 11.94
C ILE C 27 10.11 -22.14 12.06
N THR C 28 10.75 -22.62 11.00
CA THR C 28 12.20 -22.78 10.97
C THR C 28 12.93 -21.43 10.99
N ILE C 29 12.26 -20.38 10.56
CA ILE C 29 12.90 -19.07 10.50
C ILE C 29 12.27 -17.96 11.34
N TYR C 30 10.98 -18.07 11.64
CA TYR C 30 10.33 -17.04 12.42
C TYR C 30 10.88 -16.94 13.83
N ARG C 31 11.10 -15.70 14.30
CA ARG C 31 11.64 -15.45 15.63
C ARG C 31 10.65 -15.74 16.75
N TRP C 32 11.04 -16.62 17.67
CA TRP C 32 10.20 -16.99 18.79
C TRP C 32 9.99 -15.83 19.76
N SER C 33 8.76 -15.74 20.28
CA SER C 33 8.40 -14.69 21.23
C SER C 33 7.67 -15.35 22.40
N LEU C 34 7.81 -14.77 23.59
CA LEU C 34 7.15 -15.33 24.77
C LEU C 34 5.69 -15.67 24.48
N PRO C 35 4.92 -14.71 23.93
CA PRO C 35 3.51 -14.94 23.62
C PRO C 35 3.30 -16.17 22.74
N MET C 36 4.11 -16.29 21.70
CA MET C 36 4.02 -17.41 20.77
C MET C 36 4.30 -18.71 21.52
N ALA C 37 5.34 -18.69 22.37
CA ALA C 37 5.71 -19.85 23.15
C ALA C 37 4.62 -20.23 24.14
N MET C 38 4.09 -19.23 24.84
CA MET C 38 3.03 -19.46 25.82
C MET C 38 1.75 -19.94 25.12
N SER C 39 1.64 -19.63 23.84
CA SER C 39 0.49 -20.03 23.04
C SER C 39 0.59 -21.53 22.79
N ILE C 40 1.79 -21.99 22.43
CA ILE C 40 2.04 -23.39 22.18
C ILE C 40 1.72 -24.19 23.44
N CYS C 41 2.33 -23.79 24.55
CA CYS C 41 2.15 -24.46 25.83
C CYS C 41 0.69 -24.61 26.25
N HIS C 42 -0.14 -23.62 25.91
CA HIS C 42 -1.54 -23.71 26.30
C HIS C 42 -2.14 -24.97 25.68
N ARG C 43 -1.88 -25.17 24.38
CA ARG C 43 -2.38 -26.36 23.71
C ARG C 43 -1.76 -27.57 24.38
N GLY C 44 -0.45 -27.73 24.19
CA GLY C 44 0.25 -28.85 24.80
C GLY C 44 -0.35 -29.28 26.13
N THR C 45 -0.45 -28.33 27.06
CA THR C 45 -1.01 -28.62 28.38
C THR C 45 -2.47 -29.05 28.27
N GLY C 46 -3.23 -28.31 27.47
CA GLY C 46 -4.63 -28.65 27.28
C GLY C 46 -4.76 -30.07 26.77
N ILE C 47 -3.91 -30.44 25.82
CA ILE C 47 -3.92 -31.78 25.24
C ILE C 47 -3.50 -32.81 26.30
N ALA C 48 -2.35 -32.59 26.92
CA ALA C 48 -1.84 -33.49 27.95
C ALA C 48 -2.86 -33.65 29.07
N LEU C 49 -3.48 -32.53 29.45
CA LEU C 49 -4.47 -32.54 30.50
C LEU C 49 -5.69 -33.39 30.14
N SER C 50 -6.17 -33.27 28.91
CA SER C 50 -7.31 -34.08 28.48
C SER C 50 -6.92 -35.55 28.43
N ALA C 51 -5.72 -35.83 27.96
CA ALA C 51 -5.24 -37.21 27.89
C ALA C 51 -5.33 -37.82 29.28
N GLY C 52 -4.87 -37.09 30.28
CA GLY C 52 -4.91 -37.58 31.64
C GLY C 52 -6.32 -37.92 32.09
N VAL C 53 -7.22 -36.96 31.95
CA VAL C 53 -8.61 -37.17 32.35
C VAL C 53 -9.23 -38.38 31.66
N SER C 54 -8.94 -38.55 30.37
CA SER C 54 -9.48 -39.68 29.62
C SER C 54 -8.90 -40.98 30.16
N LEU C 55 -7.60 -40.98 30.44
CA LEU C 55 -6.95 -42.16 30.96
C LEU C 55 -7.56 -42.56 32.30
N PHE C 56 -8.00 -41.56 33.07
CA PHE C 56 -8.60 -41.83 34.37
C PHE C 56 -10.00 -42.42 34.20
N GLY C 57 -10.75 -41.89 33.23
CA GLY C 57 -12.09 -42.37 32.98
C GLY C 57 -12.12 -43.76 32.36
N LEU C 58 -11.29 -43.97 31.34
CA LEU C 58 -11.23 -45.27 30.67
C LEU C 58 -10.69 -46.36 31.59
N SER C 59 -9.69 -46.02 32.38
CA SER C 59 -9.11 -46.98 33.31
C SER C 59 -10.19 -47.42 34.28
N ALA C 60 -11.08 -46.49 34.61
CA ALA C 60 -12.17 -46.75 35.54
C ALA C 60 -13.21 -47.72 34.96
N LEU C 61 -13.16 -47.91 33.64
CA LEU C 61 -14.10 -48.80 32.97
C LEU C 61 -13.51 -50.15 32.56
N LEU C 62 -12.22 -50.16 32.26
CA LEU C 62 -11.58 -51.39 31.80
C LEU C 62 -10.79 -52.13 32.89
N LEU C 63 -9.97 -51.40 33.62
CA LEU C 63 -9.14 -52.00 34.67
C LEU C 63 -9.95 -52.45 35.90
N PRO C 64 -9.50 -53.54 36.54
CA PRO C 64 -10.16 -54.10 37.72
C PRO C 64 -9.74 -53.41 39.04
N GLY C 65 -10.46 -53.74 40.11
CA GLY C 65 -10.17 -53.15 41.40
C GLY C 65 -10.66 -51.73 41.55
N ASN C 66 -10.77 -51.28 42.80
CA ASN C 66 -11.24 -49.92 43.08
C ASN C 66 -10.03 -48.99 43.18
N PHE C 67 -10.30 -47.69 43.29
CA PHE C 67 -9.23 -46.70 43.38
C PHE C 67 -8.25 -47.03 44.48
N GLU C 68 -8.76 -47.50 45.63
CA GLU C 68 -7.91 -47.85 46.76
C GLU C 68 -7.01 -49.02 46.45
N SER C 69 -7.53 -50.00 45.69
CA SER C 69 -6.74 -51.17 45.30
C SER C 69 -5.52 -50.66 44.54
N HIS C 70 -5.71 -49.59 43.80
CA HIS C 70 -4.67 -48.97 43.00
C HIS C 70 -3.72 -48.12 43.85
N LEU C 71 -4.28 -47.37 44.80
CA LEU C 71 -3.46 -46.54 45.67
C LEU C 71 -2.54 -47.40 46.52
N GLU C 72 -3.12 -48.26 47.36
CA GLU C 72 -2.33 -49.13 48.21
C GLU C 72 -1.29 -49.83 47.35
N LEU C 73 -1.65 -50.06 46.08
CA LEU C 73 -0.76 -50.70 45.14
C LEU C 73 0.50 -49.85 44.93
N VAL C 74 0.33 -48.53 45.05
CA VAL C 74 1.43 -47.60 44.89
C VAL C 74 2.15 -47.36 46.20
N LYS C 75 1.39 -47.27 47.29
CA LYS C 75 1.99 -47.05 48.61
C LYS C 75 3.13 -48.05 48.79
N SER C 76 2.85 -49.31 48.46
CA SER C 76 3.84 -50.36 48.56
C SER C 76 4.62 -50.42 47.25
N LEU C 77 5.37 -49.36 46.98
CA LEU C 77 6.18 -49.26 45.78
C LEU C 77 7.38 -48.37 46.12
N CYS C 78 7.89 -48.56 47.33
CA CYS C 78 9.05 -47.82 47.85
C CYS C 78 9.00 -46.30 47.62
N LEU C 79 7.80 -45.77 47.39
CA LEU C 79 7.60 -44.34 47.15
C LEU C 79 8.55 -43.39 47.88
N GLY C 80 9.54 -42.88 47.16
CA GLY C 80 10.49 -41.96 47.76
C GLY C 80 9.89 -40.57 47.87
N PRO C 81 9.87 -39.97 49.08
CA PRO C 81 9.32 -38.64 49.29
C PRO C 81 9.74 -37.61 48.24
N THR C 82 11.02 -37.59 47.90
CA THR C 82 11.53 -36.66 46.89
C THR C 82 11.23 -37.24 45.52
N LEU C 83 10.01 -37.75 45.37
CA LEU C 83 9.55 -38.33 44.12
C LEU C 83 8.03 -38.28 44.12
N ILE C 84 7.45 -38.43 45.32
CA ILE C 84 6.00 -38.37 45.48
C ILE C 84 5.63 -36.91 45.27
N TYR C 85 6.55 -36.03 45.65
CA TYR C 85 6.36 -34.58 45.50
C TYR C 85 6.61 -34.23 44.04
N THR C 86 7.63 -34.85 43.45
CA THR C 86 7.97 -34.61 42.05
C THR C 86 6.77 -34.94 41.17
N ALA C 87 6.30 -36.19 41.26
CA ALA C 87 5.15 -36.62 40.47
C ALA C 87 3.93 -35.74 40.77
N LYS C 88 3.81 -35.32 42.01
CA LYS C 88 2.68 -34.47 42.42
C LYS C 88 2.80 -33.10 41.78
N PHE C 89 4.03 -32.63 41.60
CA PHE C 89 4.28 -31.33 41.00
C PHE C 89 4.00 -31.40 39.51
N GLY C 90 4.56 -32.42 38.86
CA GLY C 90 4.37 -32.61 37.44
C GLY C 90 2.91 -32.63 37.01
N ILE C 91 2.01 -32.98 37.93
CA ILE C 91 0.60 -33.02 37.62
C ILE C 91 -0.03 -31.65 37.85
N VAL C 92 0.44 -30.95 38.87
CA VAL C 92 -0.07 -29.63 39.21
C VAL C 92 0.44 -28.54 38.27
N PHE C 93 1.63 -28.75 37.71
CA PHE C 93 2.22 -27.75 36.83
C PHE C 93 1.38 -27.45 35.59
N PRO C 94 1.18 -28.44 34.71
CA PRO C 94 0.38 -28.20 33.50
C PRO C 94 -1.05 -27.74 33.78
N LEU C 95 -1.64 -28.24 34.87
CA LEU C 95 -3.00 -27.85 35.23
C LEU C 95 -3.06 -26.37 35.60
N MET C 96 -2.13 -25.93 36.45
CA MET C 96 -2.08 -24.54 36.88
C MET C 96 -1.76 -23.59 35.73
N TYR C 97 -0.73 -23.92 34.95
CA TYR C 97 -0.34 -23.09 33.82
C TYR C 97 -1.55 -22.85 32.94
N HIS C 98 -2.14 -23.94 32.47
CA HIS C 98 -3.32 -23.91 31.61
C HIS C 98 -4.44 -23.11 32.27
N THR C 99 -4.56 -23.27 33.59
CA THR C 99 -5.58 -22.58 34.36
C THR C 99 -5.42 -21.07 34.25
N TRP C 100 -4.27 -20.57 34.72
CA TRP C 100 -3.98 -19.15 34.70
C TRP C 100 -3.99 -18.57 33.29
N ASN C 101 -3.29 -19.22 32.37
CA ASN C 101 -3.24 -18.74 31.00
C ASN C 101 -4.67 -18.73 30.45
N GLY C 102 -5.49 -19.68 30.90
CA GLY C 102 -6.86 -19.75 30.46
C GLY C 102 -7.61 -18.50 30.90
N ILE C 103 -7.35 -18.07 32.12
CA ILE C 103 -7.99 -16.87 32.66
C ILE C 103 -7.59 -15.69 31.80
N ARG C 104 -6.32 -15.67 31.41
CA ARG C 104 -5.82 -14.60 30.58
C ARG C 104 -6.57 -14.63 29.25
N HIS C 105 -6.75 -15.83 28.70
CA HIS C 105 -7.46 -16.00 27.44
C HIS C 105 -8.86 -15.42 27.53
N LEU C 106 -9.55 -15.69 28.64
CA LEU C 106 -10.90 -15.18 28.82
C LEU C 106 -10.90 -13.67 28.86
N ILE C 107 -9.95 -13.09 29.58
CA ILE C 107 -9.85 -11.64 29.69
C ILE C 107 -9.71 -11.04 28.30
N TRP C 108 -8.94 -11.70 27.43
CA TRP C 108 -8.75 -11.23 26.07
C TRP C 108 -10.07 -11.24 25.30
N ASP C 109 -10.86 -12.29 25.50
CA ASP C 109 -12.14 -12.40 24.82
C ASP C 109 -13.02 -11.20 25.16
N LEU C 110 -12.78 -10.61 26.32
CA LEU C 110 -13.54 -9.43 26.74
C LEU C 110 -12.96 -8.23 25.97
N GLY C 111 -11.84 -8.48 25.31
CA GLY C 111 -11.18 -7.45 24.52
C GLY C 111 -10.19 -6.60 25.28
N LYS C 112 -9.76 -7.06 26.45
CA LYS C 112 -8.83 -6.30 27.27
C LYS C 112 -7.41 -6.85 27.26
N GLY C 113 -6.45 -5.96 27.47
CA GLY C 113 -5.05 -6.36 27.51
C GLY C 113 -4.45 -6.88 26.21
N LEU C 114 -5.03 -6.48 25.09
CA LEU C 114 -4.53 -6.91 23.79
C LEU C 114 -3.57 -5.92 23.14
N THR C 115 -2.48 -5.64 23.84
CA THR C 115 -1.45 -4.73 23.35
C THR C 115 -0.11 -5.40 23.62
N ILE C 116 0.89 -5.16 22.78
CA ILE C 116 2.19 -5.78 22.99
C ILE C 116 2.68 -5.55 24.42
N PRO C 117 2.69 -4.28 24.89
CA PRO C 117 3.14 -4.02 26.25
C PRO C 117 2.37 -4.82 27.29
N GLN C 118 1.05 -4.66 27.31
CA GLN C 118 0.20 -5.38 28.25
C GLN C 118 0.35 -6.89 28.10
N LEU C 119 0.67 -7.32 26.89
CA LEU C 119 0.83 -8.74 26.60
C LEU C 119 1.98 -9.38 27.37
N THR C 120 3.15 -8.75 27.32
CA THR C 120 4.32 -9.28 28.01
C THR C 120 4.14 -9.30 29.52
N GLN C 121 3.51 -8.26 30.06
CA GLN C 121 3.26 -8.18 31.50
C GLN C 121 2.46 -9.38 31.96
N SER C 122 1.28 -9.56 31.36
CA SER C 122 0.39 -10.67 31.70
C SER C 122 1.07 -12.02 31.56
N GLY C 123 1.90 -12.16 30.52
CA GLY C 123 2.61 -13.40 30.30
C GLY C 123 3.49 -13.72 31.49
N VAL C 124 4.27 -12.74 31.93
CA VAL C 124 5.17 -12.92 33.07
C VAL C 124 4.34 -13.28 34.29
N VAL C 125 3.29 -12.50 34.54
CA VAL C 125 2.40 -12.73 35.67
C VAL C 125 1.91 -14.17 35.67
N VAL C 126 1.25 -14.57 34.58
CA VAL C 126 0.72 -15.93 34.45
C VAL C 126 1.81 -16.96 34.74
N LEU C 127 3.02 -16.67 34.28
CA LEU C 127 4.15 -17.57 34.49
C LEU C 127 4.51 -17.66 35.98
N ILE C 128 4.51 -16.52 36.65
CA ILE C 128 4.81 -16.46 38.08
C ILE C 128 3.73 -17.19 38.87
N LEU C 129 2.48 -16.83 38.63
CA LEU C 129 1.36 -17.47 39.33
C LEU C 129 1.41 -18.98 39.16
N THR C 130 1.85 -19.43 37.98
CA THR C 130 1.97 -20.86 37.70
C THR C 130 2.89 -21.50 38.73
N VAL C 131 4.14 -21.07 38.75
CA VAL C 131 5.14 -21.59 39.68
C VAL C 131 4.66 -21.57 41.13
N LEU C 132 4.15 -20.42 41.57
CA LEU C 132 3.66 -20.30 42.94
C LEU C 132 2.57 -21.30 43.28
N SER C 133 1.51 -21.32 42.47
CA SER C 133 0.39 -22.23 42.69
C SER C 133 0.79 -23.70 42.60
N SER C 134 1.82 -23.97 41.80
CA SER C 134 2.29 -25.34 41.61
C SER C 134 3.02 -25.85 42.87
N VAL C 135 4.08 -25.15 43.25
CA VAL C 135 4.84 -25.52 44.43
C VAL C 135 3.90 -25.50 45.63
N GLY C 136 3.00 -24.51 45.64
CA GLY C 136 2.06 -24.39 46.73
C GLY C 136 1.19 -25.63 46.88
N LEU C 137 0.57 -26.05 45.78
CA LEU C 137 -0.29 -27.22 45.79
C LEU C 137 0.47 -28.53 45.99
N ALA C 138 1.70 -28.60 45.51
CA ALA C 138 2.50 -29.81 45.66
C ALA C 138 2.82 -30.06 47.13
N ALA C 139 2.30 -29.18 48.00
CA ALA C 139 2.53 -29.28 49.42
C ALA C 139 1.25 -29.12 50.22
N MET C 140 0.12 -29.53 49.64
CA MET C 140 -1.16 -29.43 50.32
C MET C 140 -1.70 -30.80 50.72
N SER D 2 -29.41 -15.67 8.94
CA SER D 2 -29.21 -17.15 8.96
C SER D 2 -28.80 -17.60 10.34
N SER D 3 -28.63 -18.91 10.51
CA SER D 3 -28.24 -19.47 11.81
C SER D 3 -26.85 -18.99 12.22
N LYS D 4 -26.67 -18.74 13.52
CA LYS D 4 -25.40 -18.28 14.06
C LYS D 4 -24.71 -19.40 14.84
N ALA D 5 -24.55 -20.55 14.20
CA ALA D 5 -23.94 -21.72 14.83
C ALA D 5 -22.51 -21.48 15.33
N ALA D 6 -21.65 -21.04 14.43
CA ALA D 6 -20.25 -20.78 14.77
C ALA D 6 -20.06 -19.86 15.98
N SER D 7 -20.81 -18.75 16.00
CA SER D 7 -20.72 -17.80 17.10
C SER D 7 -21.22 -18.39 18.41
N LEU D 8 -22.33 -19.11 18.35
CA LEU D 8 -22.91 -19.72 19.55
C LEU D 8 -21.97 -20.77 20.16
N HIS D 9 -21.35 -21.56 19.31
CA HIS D 9 -20.43 -22.57 19.80
C HIS D 9 -19.27 -21.88 20.50
N TRP D 10 -18.82 -20.76 19.92
CA TRP D 10 -17.72 -19.99 20.50
C TRP D 10 -18.06 -19.57 21.92
N THR D 11 -19.22 -18.96 22.09
CA THR D 11 -19.67 -18.52 23.40
C THR D 11 -19.85 -19.70 24.35
N GLY D 12 -20.41 -20.78 23.83
CA GLY D 12 -20.60 -21.97 24.64
C GLY D 12 -19.30 -22.38 25.30
N GLU D 13 -18.23 -22.38 24.53
CA GLU D 13 -16.91 -22.75 25.03
C GLU D 13 -16.51 -21.87 26.21
N ARG D 14 -16.64 -20.55 26.02
CA ARG D 14 -16.29 -19.59 27.06
C ARG D 14 -17.08 -19.88 28.34
N VAL D 15 -18.38 -20.12 28.18
CA VAL D 15 -19.25 -20.41 29.30
C VAL D 15 -18.78 -21.57 30.16
N VAL D 16 -18.60 -22.74 29.54
CA VAL D 16 -18.14 -23.90 30.29
C VAL D 16 -16.73 -23.64 30.80
N SER D 17 -16.03 -22.72 30.16
CA SER D 17 -14.67 -22.36 30.56
C SER D 17 -14.69 -21.63 31.90
N VAL D 18 -15.65 -20.75 32.07
CA VAL D 18 -15.77 -19.99 33.33
C VAL D 18 -16.42 -20.91 34.36
N LEU D 19 -17.21 -21.85 33.87
CA LEU D 19 -17.91 -22.80 34.75
C LEU D 19 -16.91 -23.77 35.35
N LEU D 20 -16.05 -24.34 34.51
CA LEU D 20 -15.03 -25.27 34.96
C LEU D 20 -14.02 -24.51 35.82
N LEU D 21 -14.04 -23.19 35.70
CA LEU D 21 -13.15 -22.33 36.47
C LEU D 21 -13.69 -22.11 37.87
N GLY D 22 -15.01 -22.12 37.99
CA GLY D 22 -15.64 -21.92 39.28
C GLY D 22 -15.79 -23.21 40.05
N LEU D 23 -15.75 -24.33 39.35
CA LEU D 23 -15.89 -25.64 39.98
C LEU D 23 -14.67 -26.05 40.77
N LEU D 24 -13.48 -25.93 40.18
CA LEU D 24 -12.26 -26.31 40.87
C LEU D 24 -12.25 -25.79 42.31
N PRO D 25 -12.46 -24.47 42.49
CA PRO D 25 -12.46 -23.94 43.86
C PRO D 25 -13.63 -24.53 44.65
N ALA D 26 -14.82 -24.50 44.04
CA ALA D 26 -16.02 -25.03 44.67
C ALA D 26 -15.84 -26.46 45.11
N ALA D 27 -15.17 -27.25 44.28
CA ALA D 27 -14.92 -28.64 44.58
C ALA D 27 -14.01 -28.80 45.80
N TYR D 28 -13.20 -27.79 46.07
CA TYR D 28 -12.30 -27.85 47.23
C TYR D 28 -13.04 -27.50 48.51
N LEU D 29 -13.70 -26.35 48.51
CA LEU D 29 -14.44 -25.90 49.68
C LEU D 29 -15.60 -26.82 50.04
N ASN D 30 -16.20 -27.45 49.04
CA ASN D 30 -17.33 -28.33 49.29
C ASN D 30 -17.31 -29.64 48.50
N PRO D 31 -16.52 -30.62 48.95
CA PRO D 31 -16.47 -31.89 48.22
C PRO D 31 -17.76 -32.70 48.42
N CYS D 32 -18.38 -33.11 47.31
CA CYS D 32 -19.61 -33.89 47.40
C CYS D 32 -19.91 -34.59 46.07
N SER D 33 -20.75 -35.62 46.13
CA SER D 33 -21.12 -36.38 44.94
C SER D 33 -21.61 -35.46 43.82
N ALA D 34 -22.34 -34.42 44.18
CA ALA D 34 -22.86 -33.47 43.20
C ALA D 34 -21.72 -32.83 42.44
N MET D 35 -20.75 -32.31 43.18
CA MET D 35 -19.59 -31.66 42.60
C MET D 35 -18.87 -32.62 41.64
N ASP D 36 -18.68 -33.85 42.09
CA ASP D 36 -17.99 -34.87 41.29
C ASP D 36 -18.63 -35.11 39.92
N TYR D 37 -19.95 -34.89 39.83
CA TYR D 37 -20.63 -35.10 38.55
C TYR D 37 -20.52 -33.90 37.63
N SER D 38 -20.91 -32.73 38.12
CA SER D 38 -20.83 -31.51 37.32
C SER D 38 -19.38 -31.28 36.92
N LEU D 39 -18.45 -31.68 37.79
CA LEU D 39 -17.04 -31.52 37.53
C LEU D 39 -16.62 -32.48 36.42
N ALA D 40 -17.36 -33.59 36.30
CA ALA D 40 -17.07 -34.59 35.27
C ALA D 40 -17.69 -34.15 33.94
N ALA D 41 -18.82 -33.45 34.04
CA ALA D 41 -19.52 -32.97 32.85
C ALA D 41 -18.71 -31.87 32.18
N ALA D 42 -18.39 -30.83 32.93
CA ALA D 42 -17.63 -29.71 32.39
C ALA D 42 -16.22 -30.14 31.98
N LEU D 43 -15.61 -31.00 32.78
CA LEU D 43 -14.26 -31.48 32.51
C LEU D 43 -14.17 -32.19 31.16
N THR D 44 -15.14 -33.05 30.87
CA THR D 44 -15.16 -33.80 29.62
C THR D 44 -15.65 -32.98 28.44
N LEU D 45 -16.68 -32.17 28.66
CA LEU D 45 -17.25 -31.34 27.61
C LEU D 45 -16.15 -30.40 27.12
N HIS D 46 -15.69 -29.54 28.02
CA HIS D 46 -14.64 -28.58 27.73
C HIS D 46 -13.49 -29.24 26.98
N GLY D 47 -13.08 -30.41 27.45
CA GLY D 47 -11.99 -31.12 26.80
C GLY D 47 -12.38 -31.56 25.40
N HIS D 48 -13.64 -31.92 25.22
CA HIS D 48 -14.14 -32.37 23.93
C HIS D 48 -14.06 -31.24 22.90
N TRP D 49 -14.61 -30.08 23.25
CA TRP D 49 -14.56 -28.93 22.34
C TRP D 49 -13.11 -28.51 22.16
N GLY D 50 -12.30 -28.73 23.18
CA GLY D 50 -10.90 -28.37 23.12
C GLY D 50 -10.18 -29.12 22.01
N ILE D 51 -10.11 -30.44 22.15
CA ILE D 51 -9.44 -31.27 21.16
C ILE D 51 -10.08 -31.03 19.80
N GLY D 52 -11.37 -30.71 19.81
CA GLY D 52 -12.07 -30.46 18.57
C GLY D 52 -11.36 -29.38 17.77
N GLN D 53 -11.08 -28.26 18.44
CA GLN D 53 -10.39 -27.14 17.81
C GLN D 53 -9.04 -27.60 17.25
N VAL D 54 -8.32 -28.41 18.02
CA VAL D 54 -7.02 -28.90 17.58
C VAL D 54 -7.16 -29.78 16.33
N VAL D 55 -8.28 -30.48 16.24
CA VAL D 55 -8.53 -31.36 15.10
C VAL D 55 -8.83 -30.58 13.83
N THR D 56 -9.81 -29.70 13.88
CA THR D 56 -10.18 -28.91 12.71
C THR D 56 -8.99 -28.08 12.25
N ASP D 57 -8.05 -27.86 13.18
CA ASP D 57 -6.86 -27.07 12.91
C ASP D 57 -5.77 -27.83 12.16
N TYR D 58 -5.43 -29.02 12.63
CA TYR D 58 -4.36 -29.80 12.00
C TYR D 58 -4.75 -30.88 11.00
N VAL D 59 -5.96 -31.43 11.13
CA VAL D 59 -6.40 -32.49 10.22
C VAL D 59 -7.00 -31.95 8.93
N ARG D 60 -6.24 -32.04 7.84
CA ARG D 60 -6.68 -31.56 6.53
C ARG D 60 -7.31 -32.68 5.69
N GLY D 61 -8.49 -32.41 5.15
CA GLY D 61 -9.16 -33.40 4.33
C GLY D 61 -10.51 -33.85 4.86
N ASP D 62 -11.49 -33.97 3.97
CA ASP D 62 -12.83 -34.40 4.34
C ASP D 62 -12.79 -35.75 5.04
N ALA D 63 -12.13 -36.72 4.40
CA ALA D 63 -12.00 -38.07 4.93
C ALA D 63 -11.56 -38.08 6.39
N LEU D 64 -10.32 -37.69 6.63
CA LEU D 64 -9.75 -37.67 7.97
C LEU D 64 -10.49 -36.89 9.03
N GLN D 65 -10.70 -35.60 8.82
CA GLN D 65 -11.40 -34.80 9.82
C GLN D 65 -12.72 -35.43 10.25
N LYS D 66 -13.48 -35.95 9.27
CA LYS D 66 -14.75 -36.59 9.57
C LYS D 66 -14.53 -37.75 10.54
N ALA D 67 -13.51 -38.56 10.27
CA ALA D 67 -13.19 -39.70 11.10
C ALA D 67 -12.65 -39.22 12.45
N ALA D 68 -11.71 -38.29 12.42
CA ALA D 68 -11.12 -37.74 13.63
C ALA D 68 -12.22 -37.28 14.58
N LYS D 69 -13.13 -36.46 14.07
CA LYS D 69 -14.23 -35.95 14.87
C LYS D 69 -14.99 -37.12 15.49
N ALA D 70 -15.19 -38.17 14.71
CA ALA D 70 -15.91 -39.35 15.18
C ALA D 70 -15.15 -40.02 16.32
N GLY D 71 -13.89 -40.34 16.08
CA GLY D 71 -13.08 -40.97 17.09
C GLY D 71 -13.01 -40.14 18.35
N LEU D 72 -12.99 -38.83 18.19
CA LEU D 72 -12.95 -37.91 19.32
C LEU D 72 -14.22 -38.05 20.15
N LEU D 73 -15.37 -38.08 19.46
CA LEU D 73 -16.65 -38.20 20.13
C LEU D 73 -16.70 -39.46 20.98
N ALA D 74 -16.11 -40.54 20.46
CA ALA D 74 -16.06 -41.80 21.17
C ALA D 74 -15.28 -41.61 22.47
N LEU D 75 -14.02 -41.22 22.33
CA LEU D 75 -13.15 -41.01 23.48
C LEU D 75 -13.86 -40.18 24.54
N SER D 76 -14.55 -39.12 24.12
CA SER D 76 -15.26 -38.27 25.06
C SER D 76 -16.36 -39.05 25.78
N ALA D 77 -17.12 -39.83 25.02
CA ALA D 77 -18.20 -40.63 25.58
C ALA D 77 -17.68 -41.61 26.64
N PHE D 78 -16.72 -42.44 26.26
CA PHE D 78 -16.14 -43.40 27.18
C PHE D 78 -15.49 -42.70 28.37
N THR D 79 -15.15 -41.43 28.19
CA THR D 79 -14.52 -40.66 29.24
C THR D 79 -15.54 -40.16 30.27
N PHE D 80 -16.66 -39.61 29.79
CA PHE D 80 -17.69 -39.13 30.70
C PHE D 80 -18.33 -40.30 31.43
N ALA D 81 -18.57 -41.37 30.70
CA ALA D 81 -19.17 -42.57 31.28
C ALA D 81 -18.23 -43.13 32.33
N GLY D 82 -16.97 -43.30 31.95
CA GLY D 82 -15.98 -43.82 32.87
C GLY D 82 -15.91 -43.01 34.16
N LEU D 83 -16.07 -41.70 34.04
CA LEU D 83 -16.03 -40.82 35.21
C LEU D 83 -17.28 -40.98 36.07
N CYS D 84 -18.44 -41.08 35.42
CA CYS D 84 -19.68 -41.24 36.16
C CYS D 84 -19.69 -42.58 36.87
N TYR D 85 -19.12 -43.59 36.20
CA TYR D 85 -19.04 -44.93 36.79
C TYR D 85 -18.24 -44.78 38.07
N PHE D 86 -17.09 -44.12 37.95
CA PHE D 86 -16.20 -43.89 39.08
C PHE D 86 -16.88 -43.16 40.22
N ASN D 87 -17.73 -42.19 39.90
CA ASN D 87 -18.43 -41.43 40.92
C ASN D 87 -19.54 -42.25 41.56
N TYR D 88 -20.03 -43.26 40.84
CA TYR D 88 -21.10 -44.11 41.32
C TYR D 88 -20.54 -45.30 42.09
N HIS D 89 -19.85 -46.19 41.38
CA HIS D 89 -19.28 -47.40 41.95
C HIS D 89 -17.91 -47.20 42.58
N ASP D 90 -17.61 -45.99 43.04
CA ASP D 90 -16.31 -45.75 43.66
C ASP D 90 -16.26 -44.48 44.51
N VAL D 91 -15.04 -44.15 44.92
CA VAL D 91 -14.75 -43.00 45.75
C VAL D 91 -15.31 -41.67 45.23
N GLY D 92 -15.08 -41.42 43.94
CA GLY D 92 -15.52 -40.18 43.33
C GLY D 92 -14.25 -39.38 43.10
N ILE D 93 -14.21 -38.58 42.03
CA ILE D 93 -13.00 -37.81 41.74
C ILE D 93 -12.49 -36.94 42.88
N CYS D 94 -13.38 -36.24 43.58
CA CYS D 94 -12.98 -35.38 44.68
C CYS D 94 -12.20 -36.14 45.75
N LYS D 95 -12.87 -37.10 46.40
CA LYS D 95 -12.23 -37.88 47.45
C LYS D 95 -11.02 -38.64 46.92
N ALA D 96 -11.02 -38.93 45.62
CA ALA D 96 -9.92 -39.64 44.99
C ALA D 96 -8.69 -38.72 45.01
N VAL D 97 -8.93 -37.45 44.67
CA VAL D 97 -7.87 -36.46 44.67
C VAL D 97 -7.38 -36.33 46.09
N ALA D 98 -8.34 -36.18 47.01
CA ALA D 98 -8.02 -36.03 48.43
C ALA D 98 -7.12 -37.16 48.88
N MET D 99 -7.61 -38.38 48.75
CA MET D 99 -6.86 -39.56 49.14
C MET D 99 -5.48 -39.53 48.50
N LEU D 100 -5.46 -39.37 47.19
CA LEU D 100 -4.22 -39.34 46.42
C LEU D 100 -3.17 -38.35 46.92
N TRP D 101 -3.60 -37.26 47.55
CA TRP D 101 -2.61 -36.30 48.03
C TRP D 101 -2.02 -36.62 49.38
N LYS D 102 -2.85 -36.93 50.35
CA LYS D 102 -2.32 -37.27 51.65
C LYS D 102 -1.76 -38.68 51.52
N LEU D 103 -0.82 -38.81 50.60
CA LEU D 103 -0.15 -40.07 50.28
C LEU D 103 1.31 -39.80 49.90
#